data_8U1A
#
_entry.id   8U1A
#
_cell.length_a   54.192
_cell.length_b   80.443
_cell.length_c   72.631
_cell.angle_alpha   90.000
_cell.angle_beta   94.261
_cell.angle_gamma   90.000
#
_symmetry.space_group_name_H-M   'P 1 21 1'
#
_entity_poly.entity_id   1
_entity_poly.type   'polypeptide(L)'
_entity_poly.pdbx_seq_one_letter_code
;SEREEELKRLKKEQEKIREEIEEVKKEIEESKKRPQSESQKNFILSLQLFISMLRLKLLWSRALALQLQRERLTDTDEVD
RRREQELKRLKKELEKLREETEEVKKEIEESKKRPQSESLKNIILINQLLILVIRSEYLIIRNLISQLQAQTNPNNTRLK
QEQKRSKKEQEKIREELEEVKKEIEESKKRPQSESAKNFILMAQSLISLIRLLALITRALNLQLQARRDGPNEELEQELK
RLKKEVEKIREEQEEVNKEIEESKKRPQSESLKNFILLAQLISSMVRLWELIIRILQLQLQKRKGINEDELREELKRLKK
ETEKIREETEEVKKEIEESKKKASQTKEIILMLQLEIAWIRSLLSIIRLLKLQLEQIDK
;
_entity_poly.pdbx_strand_id   A,B
#
# COMPACT_ATOMS: atom_id res chain seq x y z
N ARG A 3 -41.02 10.75 4.39
CA ARG A 3 -39.71 10.18 4.73
C ARG A 3 -39.77 8.68 4.94
N GLU A 4 -40.62 8.25 5.88
CA GLU A 4 -40.68 6.84 6.25
C GLU A 4 -40.96 5.94 5.06
N GLU A 5 -41.75 6.40 4.09
CA GLU A 5 -42.04 5.61 2.90
C GLU A 5 -40.74 5.08 2.29
N GLU A 6 -39.76 5.97 2.15
CA GLU A 6 -38.44 5.54 1.69
C GLU A 6 -37.81 4.58 2.69
N LEU A 7 -37.79 4.96 3.98
CA LEU A 7 -37.10 4.15 4.97
C LEU A 7 -37.92 2.95 5.44
N LYS A 8 -39.20 2.85 5.06
CA LYS A 8 -39.99 1.65 5.32
C LYS A 8 -39.78 0.60 4.23
N ARG A 9 -39.84 1.01 2.95
CA ARG A 9 -39.55 0.09 1.86
C ARG A 9 -38.08 -0.31 1.81
N LEU A 10 -37.22 0.34 2.61
CA LEU A 10 -35.89 -0.18 2.88
C LEU A 10 -35.92 -1.13 4.08
N LYS A 11 -36.46 -0.67 5.21
CA LYS A 11 -36.53 -1.50 6.40
C LYS A 11 -37.66 -2.53 6.31
N LYS A 12 -38.08 -2.84 5.09
CA LYS A 12 -38.83 -4.05 4.80
C LYS A 12 -37.99 -5.09 4.09
N GLU A 13 -37.10 -4.64 3.18
CA GLU A 13 -36.16 -5.58 2.57
C GLU A 13 -35.24 -6.20 3.61
N GLN A 14 -34.98 -5.49 4.70
CA GLN A 14 -34.20 -6.05 5.79
C GLN A 14 -34.83 -7.33 6.31
N GLU A 15 -36.15 -7.30 6.54
CA GLU A 15 -36.87 -8.50 6.91
C GLU A 15 -36.80 -9.54 5.80
N LYS A 16 -37.14 -9.13 4.57
CA LYS A 16 -37.15 -10.02 3.40
C LYS A 16 -35.85 -10.80 3.25
N ILE A 17 -34.78 -10.32 3.87
CA ILE A 17 -33.51 -11.03 3.89
C ILE A 17 -33.40 -11.92 5.12
N ARG A 18 -33.84 -11.41 6.27
CA ARG A 18 -33.59 -12.04 7.57
C ARG A 18 -34.05 -13.49 7.61
N GLU A 19 -35.20 -13.79 6.99
CA GLU A 19 -35.69 -15.16 6.98
C GLU A 19 -34.92 -16.02 6.00
N GLU A 20 -34.52 -15.46 4.85
CA GLU A 20 -33.65 -16.21 3.95
C GLU A 20 -32.35 -16.58 4.63
N ILE A 21 -31.94 -15.83 5.66
CA ILE A 21 -30.79 -16.20 6.48
C ILE A 21 -31.18 -17.32 7.45
N GLU A 22 -32.23 -17.08 8.25
CA GLU A 22 -32.65 -18.04 9.26
C GLU A 22 -33.17 -19.33 8.67
N GLU A 23 -33.48 -19.36 7.37
CA GLU A 23 -33.78 -20.64 6.72
C GLU A 23 -32.50 -21.36 6.33
N VAL A 24 -31.54 -20.61 5.76
CA VAL A 24 -30.20 -21.15 5.57
C VAL A 24 -29.65 -21.58 6.91
N LYS A 25 -30.03 -20.87 7.97
CA LYS A 25 -29.58 -21.18 9.31
C LYS A 25 -30.19 -22.49 9.81
N LYS A 26 -31.51 -22.57 9.87
CA LYS A 26 -32.17 -23.79 10.31
C LYS A 26 -31.73 -24.97 9.47
N GLU A 27 -31.41 -24.74 8.19
CA GLU A 27 -30.87 -25.81 7.37
C GLU A 27 -29.44 -26.14 7.72
N ILE A 28 -28.66 -25.16 8.21
CA ILE A 28 -27.26 -25.41 8.52
C ILE A 28 -27.13 -26.47 9.61
N GLU A 29 -27.79 -26.25 10.76
CA GLU A 29 -27.72 -27.25 11.81
C GLU A 29 -28.51 -28.50 11.46
N GLU A 30 -29.47 -28.38 10.56
CA GLU A 30 -30.13 -29.56 9.99
C GLU A 30 -29.13 -30.44 9.25
N SER A 31 -28.36 -29.86 8.34
CA SER A 31 -27.31 -30.62 7.66
C SER A 31 -26.25 -31.09 8.66
N LYS A 32 -25.99 -30.28 9.68
CA LYS A 32 -24.99 -30.61 10.69
C LYS A 32 -25.52 -31.64 11.67
N SER A 37 -18.34 -35.86 7.36
CA SER A 37 -16.89 -35.77 7.54
C SER A 37 -16.48 -34.44 8.15
N GLU A 38 -15.17 -34.20 8.21
CA GLU A 38 -14.66 -32.95 8.78
C GLU A 38 -14.87 -31.79 7.83
N SER A 39 -14.53 -31.97 6.54
CA SER A 39 -14.64 -30.89 5.57
C SER A 39 -16.07 -30.37 5.49
N GLN A 40 -17.04 -31.29 5.49
CA GLN A 40 -18.44 -30.88 5.46
C GLN A 40 -18.78 -30.01 6.66
N LYS A 41 -18.47 -30.51 7.86
CA LYS A 41 -18.72 -29.73 9.07
C LYS A 41 -17.82 -28.50 9.16
N ASN A 42 -16.76 -28.41 8.33
CA ASN A 42 -15.99 -27.18 8.24
C ASN A 42 -16.62 -26.18 7.28
N PHE A 43 -17.07 -26.65 6.11
CA PHE A 43 -17.83 -25.80 5.20
C PHE A 43 -19.09 -25.28 5.87
N ILE A 44 -19.71 -26.09 6.72
CA ILE A 44 -20.90 -25.64 7.45
C ILE A 44 -20.57 -24.41 8.29
N LEU A 45 -19.38 -24.42 8.91
CA LEU A 45 -18.95 -23.29 9.74
C LEU A 45 -18.92 -22.01 8.91
N SER A 46 -18.30 -22.07 7.73
CA SER A 46 -18.19 -20.89 6.89
C SER A 46 -19.55 -20.38 6.46
N LEU A 47 -20.55 -21.26 6.33
CA LEU A 47 -21.90 -20.82 6.04
C LEU A 47 -22.46 -20.02 7.20
N GLN A 48 -22.29 -20.53 8.43
CA GLN A 48 -22.74 -19.79 9.61
C GLN A 48 -21.99 -18.47 9.75
N LEU A 49 -20.67 -18.50 9.56
CA LEU A 49 -19.89 -17.27 9.60
C LEU A 49 -20.40 -16.28 8.55
N PHE A 50 -20.69 -16.78 7.34
CA PHE A 50 -21.27 -15.94 6.32
C PHE A 50 -22.67 -15.49 6.72
N ILE A 51 -23.43 -16.38 7.34
CA ILE A 51 -24.75 -16.05 7.85
C ILE A 51 -24.65 -14.91 8.87
N SER A 52 -23.73 -15.06 9.84
CA SER A 52 -23.55 -14.01 10.84
C SER A 52 -23.11 -12.71 10.18
N MET A 53 -22.26 -12.81 9.16
CA MET A 53 -21.87 -11.63 8.41
C MET A 53 -23.08 -10.91 7.82
N LEU A 54 -24.02 -11.68 7.27
CA LEU A 54 -25.23 -11.07 6.72
C LEU A 54 -26.03 -10.38 7.81
N ARG A 55 -26.28 -11.08 8.93
CA ARG A 55 -27.07 -10.50 10.00
C ARG A 55 -26.38 -9.27 10.59
N LEU A 56 -25.06 -9.21 10.47
CA LEU A 56 -24.35 -8.01 10.90
C LEU A 56 -24.61 -6.86 9.93
N LYS A 57 -24.80 -7.17 8.65
CA LYS A 57 -25.06 -6.13 7.67
C LYS A 57 -26.45 -5.53 7.88
N LEU A 58 -27.46 -6.38 8.06
CA LEU A 58 -28.82 -5.90 8.24
C LEU A 58 -28.91 -5.00 9.47
N LEU A 59 -28.29 -5.43 10.57
CA LEU A 59 -28.18 -4.60 11.75
C LEU A 59 -27.45 -3.31 11.42
N TRP A 60 -26.34 -3.42 10.70
CA TRP A 60 -25.56 -2.25 10.31
C TRP A 60 -26.42 -1.29 9.49
N SER A 61 -27.24 -1.83 8.59
CA SER A 61 -28.16 -0.98 7.84
C SER A 61 -29.28 -0.45 8.73
N ARG A 62 -29.78 -1.29 9.65
CA ARG A 62 -30.82 -0.85 10.57
C ARG A 62 -30.33 0.27 11.46
N ALA A 63 -29.10 0.14 11.97
CA ALA A 63 -28.52 1.19 12.80
C ALA A 63 -28.31 2.47 12.01
N LEU A 64 -28.16 2.35 10.68
CA LEU A 64 -28.01 3.53 9.85
C LEU A 64 -29.30 4.31 9.75
N ALA A 65 -30.36 3.67 9.25
CA ALA A 65 -31.64 4.33 9.02
C ALA A 65 -32.09 5.06 10.28
N LEU A 66 -31.81 4.48 11.45
CA LEU A 66 -31.98 5.19 12.71
C LEU A 66 -31.32 6.55 12.67
N GLN A 67 -29.99 6.55 12.48
CA GLN A 67 -29.23 7.79 12.41
C GLN A 67 -29.81 8.77 11.41
N LEU A 68 -30.54 8.29 10.39
CA LEU A 68 -31.11 9.19 9.41
C LEU A 68 -32.35 9.90 9.95
N GLN A 69 -33.38 9.14 10.36
CA GLN A 69 -34.58 9.75 10.91
C GLN A 69 -34.24 10.69 12.06
N ARG A 70 -33.23 10.32 12.85
CA ARG A 70 -32.66 11.19 13.87
C ARG A 70 -32.41 12.59 13.35
N GLU A 71 -31.63 12.70 12.26
CA GLU A 71 -31.45 13.99 11.62
C GLU A 71 -32.72 14.48 10.94
N ARG A 72 -33.61 13.56 10.54
CA ARG A 72 -34.87 13.93 9.90
C ARG A 72 -35.88 14.42 10.93
N THR A 76 -39.90 15.97 16.09
CA THR A 76 -40.91 15.00 16.50
C THR A 76 -40.50 14.35 17.82
N ASP A 77 -41.44 14.24 18.76
CA ASP A 77 -41.15 13.54 20.00
C ASP A 77 -40.82 12.09 19.72
N GLU A 78 -41.50 11.49 18.74
CA GLU A 78 -41.36 10.07 18.48
C GLU A 78 -40.06 9.70 17.78
N VAL A 79 -39.33 10.68 17.22
CA VAL A 79 -37.99 10.42 16.72
C VAL A 79 -37.02 10.30 17.87
N ASP A 80 -37.50 10.49 19.11
CA ASP A 80 -36.71 10.20 20.31
C ASP A 80 -37.25 9.03 21.13
N ARG A 81 -38.56 8.80 21.12
CA ARG A 81 -39.10 7.61 21.76
C ARG A 81 -38.73 6.37 20.96
N ARG A 82 -38.70 6.50 19.63
CA ARG A 82 -38.30 5.38 18.80
C ARG A 82 -36.83 5.03 18.99
N ARG A 83 -36.04 5.94 19.56
CA ARG A 83 -34.62 5.72 19.80
C ARG A 83 -34.41 4.52 20.72
N GLU A 84 -34.80 4.68 21.99
CA GLU A 84 -34.75 3.60 22.97
C GLU A 84 -35.19 2.27 22.37
N GLN A 85 -36.34 2.29 21.71
CA GLN A 85 -36.95 1.08 21.16
C GLN A 85 -35.97 0.27 20.31
N GLU A 86 -35.48 0.84 19.21
CA GLU A 86 -34.67 0.06 18.29
C GLU A 86 -33.27 -0.21 18.85
N LEU A 87 -32.67 0.77 19.54
CA LEU A 87 -31.30 0.62 20.04
C LEU A 87 -31.17 -0.61 20.91
N LYS A 88 -32.16 -0.83 21.79
CA LYS A 88 -32.18 -2.08 22.55
C LYS A 88 -32.34 -3.28 21.63
N ARG A 89 -33.32 -3.21 20.71
CA ARG A 89 -33.55 -4.32 19.78
C ARG A 89 -32.29 -4.67 18.99
N LEU A 90 -31.48 -3.66 18.65
CA LEU A 90 -30.20 -3.91 17.99
C LEU A 90 -29.19 -4.50 18.97
N LYS A 91 -29.08 -3.92 20.16
CA LYS A 91 -28.10 -4.38 21.13
C LYS A 91 -28.36 -5.83 21.51
N LYS A 92 -29.64 -6.24 21.58
CA LYS A 92 -29.94 -7.65 21.77
C LYS A 92 -29.33 -8.48 20.64
N GLU A 93 -29.72 -8.16 19.40
CA GLU A 93 -29.23 -8.89 18.24
C GLU A 93 -27.71 -8.77 18.13
N LEU A 94 -27.15 -7.65 18.58
CA LEU A 94 -25.71 -7.47 18.54
C LEU A 94 -25.01 -8.54 19.35
N GLU A 95 -25.49 -8.81 20.56
CA GLU A 95 -24.76 -9.71 21.43
C GLU A 95 -25.07 -11.17 21.09
N LYS A 96 -26.30 -11.45 20.65
CA LYS A 96 -26.61 -12.77 20.12
C LYS A 96 -25.65 -13.15 19.01
N LEU A 97 -25.20 -12.16 18.24
CA LEU A 97 -24.22 -12.42 17.20
C LEU A 97 -22.89 -12.87 17.81
N ARG A 98 -22.34 -12.05 18.71
CA ARG A 98 -21.04 -12.35 19.32
C ARG A 98 -21.06 -13.67 20.08
N GLU A 99 -22.23 -14.14 20.49
CA GLU A 99 -22.36 -15.48 21.05
C GLU A 99 -21.90 -16.51 20.04
N GLU A 100 -22.77 -16.84 19.09
CA GLU A 100 -22.55 -17.89 18.08
C GLU A 100 -21.14 -17.88 17.52
N THR A 101 -20.52 -16.70 17.41
CA THR A 101 -19.18 -16.62 16.86
C THR A 101 -18.18 -17.35 17.74
N GLU A 102 -18.25 -17.14 19.05
CA GLU A 102 -17.30 -17.81 19.94
C GLU A 102 -17.41 -19.32 19.85
N GLU A 103 -18.62 -19.84 19.61
CA GLU A 103 -18.78 -21.29 19.46
C GLU A 103 -18.11 -21.78 18.19
N VAL A 104 -18.35 -21.09 17.07
CA VAL A 104 -17.70 -21.46 15.81
C VAL A 104 -16.18 -21.33 15.95
N LYS A 105 -15.73 -20.27 16.64
CA LYS A 105 -14.31 -20.06 16.89
C LYS A 105 -13.69 -21.28 17.55
N LYS A 106 -14.40 -21.85 18.52
CA LYS A 106 -13.92 -23.05 19.19
C LYS A 106 -13.94 -24.26 18.25
N GLU A 107 -15.07 -24.50 17.58
CA GLU A 107 -15.20 -25.67 16.70
C GLU A 107 -14.10 -25.71 15.64
N ILE A 108 -13.59 -24.53 15.25
CA ILE A 108 -12.46 -24.41 14.34
C ILE A 108 -11.15 -24.69 15.09
N GLU A 109 -11.04 -24.16 16.32
CA GLU A 109 -9.89 -24.45 17.17
C GLU A 109 -9.78 -25.95 17.44
N GLU A 110 -10.90 -26.66 17.39
CA GLU A 110 -10.86 -28.12 17.51
C GLU A 110 -10.44 -28.75 16.20
N SER A 111 -10.90 -28.21 15.07
CA SER A 111 -10.61 -28.84 13.78
C SER A 111 -9.17 -28.58 13.36
N LYS A 112 -8.58 -27.46 13.76
CA LYS A 112 -7.18 -27.19 13.42
C LYS A 112 -6.27 -28.27 13.95
N LYS A 113 -6.60 -28.82 15.12
CA LYS A 113 -5.76 -29.83 15.73
C LYS A 113 -5.86 -31.17 15.02
N ARG A 114 -6.89 -31.39 14.22
CA ARG A 114 -6.95 -32.58 13.37
C ARG A 114 -6.38 -32.26 12.01
N PRO A 115 -5.28 -32.91 11.58
CA PRO A 115 -4.72 -32.71 10.25
C PRO A 115 -5.66 -33.15 9.12
N GLU A 118 -7.04 -32.28 4.13
CA GLU A 118 -6.06 -31.43 4.80
C GLU A 118 -5.56 -30.32 3.88
N SER A 119 -6.16 -30.22 2.69
CA SER A 119 -6.18 -28.95 2.00
C SER A 119 -7.11 -27.97 2.69
N LEU A 120 -7.88 -28.47 3.66
CA LEU A 120 -8.87 -27.69 4.38
C LEU A 120 -8.25 -26.64 5.28
N LYS A 121 -6.94 -26.74 5.56
CA LYS A 121 -6.26 -25.69 6.30
C LYS A 121 -6.32 -24.37 5.57
N ASN A 122 -6.52 -24.40 4.25
CA ASN A 122 -6.95 -23.22 3.53
C ASN A 122 -8.30 -22.77 4.08
N ILE A 123 -9.29 -23.67 3.99
CA ILE A 123 -10.67 -23.34 4.35
C ILE A 123 -10.75 -22.97 5.82
N ILE A 124 -9.87 -23.56 6.63
CA ILE A 124 -9.79 -23.19 8.04
C ILE A 124 -9.25 -21.78 8.18
N LEU A 125 -8.14 -21.49 7.48
CA LEU A 125 -7.48 -20.20 7.62
C LEU A 125 -8.42 -19.05 7.26
N ILE A 126 -9.24 -19.25 6.22
CA ILE A 126 -10.21 -18.21 5.85
C ILE A 126 -11.25 -18.04 6.95
N ASN A 127 -11.67 -19.15 7.58
CA ASN A 127 -12.62 -19.04 8.68
C ASN A 127 -12.03 -18.26 9.84
N GLN A 128 -10.73 -18.45 10.10
CA GLN A 128 -10.07 -17.67 11.16
C GLN A 128 -10.15 -16.19 10.86
N LEU A 129 -9.98 -15.82 9.59
CA LEU A 129 -10.06 -14.42 9.20
C LEU A 129 -11.49 -13.89 9.37
N LEU A 130 -12.47 -14.63 8.85
CA LEU A 130 -13.86 -14.19 8.93
C LEU A 130 -14.26 -13.84 10.35
N ILE A 131 -13.82 -14.65 11.32
CA ILE A 131 -14.10 -14.37 12.72
C ILE A 131 -13.56 -13.00 13.10
N LEU A 132 -12.27 -12.78 12.85
CA LEU A 132 -11.66 -11.50 13.17
C LEU A 132 -12.34 -10.36 12.42
N VAL A 133 -12.79 -10.63 11.18
CA VAL A 133 -13.58 -9.65 10.44
C VAL A 133 -14.85 -9.33 11.22
N ILE A 134 -15.58 -10.38 11.60
CA ILE A 134 -16.79 -10.20 12.40
C ILE A 134 -16.45 -9.49 13.72
N ARG A 135 -15.34 -9.90 14.35
CA ARG A 135 -14.98 -9.34 15.65
C ARG A 135 -14.76 -7.84 15.56
N SER A 136 -14.11 -7.38 14.48
CA SER A 136 -13.83 -5.97 14.30
C SER A 136 -15.08 -5.20 13.89
N GLU A 137 -15.97 -5.84 13.12
CA GLU A 137 -17.21 -5.16 12.74
C GLU A 137 -18.09 -4.88 13.95
N TYR A 138 -18.04 -5.77 14.95
CA TYR A 138 -18.88 -5.63 16.14
C TYR A 138 -18.64 -4.30 16.83
N LEU A 139 -17.37 -4.02 17.13
CA LEU A 139 -17.02 -2.82 17.87
C LEU A 139 -17.39 -1.56 17.12
N ILE A 140 -17.58 -1.65 15.80
CA ILE A 140 -17.95 -0.47 15.04
C ILE A 140 -19.45 -0.22 15.16
N ILE A 141 -20.25 -1.28 15.08
CA ILE A 141 -21.69 -1.13 15.26
C ILE A 141 -21.99 -0.56 16.63
N ARG A 142 -21.30 -1.05 17.66
CA ARG A 142 -21.50 -0.54 19.02
C ARG A 142 -21.06 0.92 19.10
N ASN A 143 -19.92 1.25 18.48
CA ASN A 143 -19.51 2.64 18.39
C ASN A 143 -20.58 3.52 17.77
N LEU A 144 -21.41 2.95 16.90
CA LEU A 144 -22.51 3.71 16.30
C LEU A 144 -23.71 3.75 17.23
N ILE A 145 -24.14 2.57 17.72
CA ILE A 145 -25.33 2.49 18.56
C ILE A 145 -25.12 3.23 19.87
N SER A 146 -23.95 3.05 20.48
CA SER A 146 -23.66 3.76 21.72
C SER A 146 -23.59 5.26 21.49
N GLN A 147 -23.13 5.67 20.30
CA GLN A 147 -23.20 7.07 19.92
C GLN A 147 -24.64 7.54 19.75
N LEU A 148 -25.57 6.63 19.50
CA LEU A 148 -26.97 7.04 19.39
C LEU A 148 -27.63 7.13 20.75
N GLN A 149 -27.31 6.21 21.67
CA GLN A 149 -27.89 6.29 23.00
C GLN A 149 -27.22 7.37 23.84
N ALA A 150 -26.02 7.79 23.45
CA ALA A 150 -25.34 8.92 24.08
C ALA A 150 -25.99 10.23 23.62
N GLN A 151 -27.15 10.13 22.98
CA GLN A 151 -27.94 11.28 22.57
C GLN A 151 -29.30 11.23 23.24
N LEU A 159 -19.18 5.29 29.24
CA LEU A 159 -19.24 6.12 28.04
C LEU A 159 -17.84 6.54 27.62
N LYS A 160 -16.97 6.81 28.59
CA LYS A 160 -15.56 6.95 28.28
C LYS A 160 -14.91 5.57 28.09
N GLN A 161 -15.36 4.57 28.85
CA GLN A 161 -14.84 3.22 28.70
C GLN A 161 -15.41 2.50 27.48
N GLU A 162 -16.55 2.95 26.95
CA GLU A 162 -17.09 2.31 25.75
C GLU A 162 -16.19 2.56 24.56
N GLN A 163 -15.58 3.74 24.51
CA GLN A 163 -14.47 3.98 23.59
C GLN A 163 -13.34 2.98 23.82
N LYS A 164 -13.05 2.67 25.09
CA LYS A 164 -11.81 1.96 25.38
C LYS A 164 -11.94 0.46 25.14
N ARG A 165 -13.04 -0.15 25.56
CA ARG A 165 -13.24 -1.57 25.25
C ARG A 165 -13.20 -1.80 23.74
N SER A 166 -13.80 -0.90 22.96
CA SER A 166 -13.65 -0.96 21.51
C SER A 166 -12.18 -0.84 21.13
N LYS A 167 -11.46 0.08 21.76
CA LYS A 167 -10.03 0.19 21.52
C LYS A 167 -9.27 -0.98 22.14
N LYS A 168 -9.81 -1.56 23.20
CA LYS A 168 -9.15 -2.72 23.81
C LYS A 168 -9.39 -3.98 23.01
N GLU A 169 -10.64 -4.31 22.71
CA GLU A 169 -10.92 -5.49 21.88
C GLU A 169 -10.41 -5.32 20.46
N GLN A 170 -9.93 -4.13 20.09
CA GLN A 170 -9.35 -3.92 18.78
C GLN A 170 -7.97 -4.56 18.72
N GLU A 171 -7.09 -4.17 19.64
CA GLU A 171 -5.74 -4.73 19.69
C GLU A 171 -5.76 -6.22 19.98
N LYS A 172 -6.82 -6.70 20.63
CA LYS A 172 -7.00 -8.14 20.78
C LYS A 172 -7.18 -8.81 19.41
N ILE A 173 -7.98 -8.21 18.53
CA ILE A 173 -8.09 -8.74 17.19
C ILE A 173 -6.79 -8.54 16.42
N ARG A 174 -6.10 -7.42 16.67
CA ARG A 174 -4.91 -7.06 15.92
C ARG A 174 -3.86 -8.17 15.99
N GLU A 175 -3.50 -8.59 17.20
CA GLU A 175 -2.51 -9.64 17.34
C GLU A 175 -2.99 -10.95 16.70
N GLU A 176 -4.28 -11.25 16.78
CA GLU A 176 -4.79 -12.47 16.17
C GLU A 176 -4.79 -12.36 14.66
N LEU A 177 -4.88 -11.15 14.12
CA LEU A 177 -4.68 -10.97 12.68
C LEU A 177 -3.27 -11.39 12.29
N GLU A 178 -2.27 -10.77 12.91
CA GLU A 178 -0.89 -11.13 12.58
C GLU A 178 -0.62 -12.60 12.88
N GLU A 179 -1.18 -13.11 13.97
CA GLU A 179 -1.12 -14.53 14.29
C GLU A 179 -1.54 -15.38 13.09
N VAL A 180 -2.76 -15.16 12.61
CA VAL A 180 -3.26 -15.86 11.42
C VAL A 180 -2.48 -15.43 10.19
N LYS A 181 -2.00 -14.17 10.16
CA LYS A 181 -1.23 -13.71 9.00
C LYS A 181 0.09 -14.45 8.89
N LYS A 182 0.73 -14.76 10.02
CA LYS A 182 1.90 -15.62 10.01
C LYS A 182 1.62 -16.92 9.29
N GLU A 183 0.63 -17.68 9.80
CA GLU A 183 0.36 -19.00 9.26
C GLU A 183 -0.15 -18.95 7.82
N ILE A 184 -0.46 -17.77 7.28
CA ILE A 184 -0.73 -17.65 5.85
C ILE A 184 0.56 -17.75 5.05
N GLU A 185 1.53 -16.89 5.36
CA GLU A 185 2.80 -16.93 4.64
C GLU A 185 3.55 -18.23 4.93
N GLU A 186 3.37 -18.80 6.12
CA GLU A 186 4.04 -20.03 6.52
C GLU A 186 3.42 -21.25 5.85
N SER A 187 2.66 -21.01 4.78
CA SER A 187 2.13 -22.06 3.92
C SER A 187 2.46 -21.70 2.48
N LYS A 188 2.16 -20.45 2.13
CA LYS A 188 2.53 -19.86 0.85
C LYS A 188 4.04 -19.84 0.67
N SER A 195 -5.55 -22.24 -8.13
CA SER A 195 -6.49 -22.58 -7.07
C SER A 195 -6.04 -21.99 -5.74
N ALA A 196 -4.93 -22.52 -5.20
CA ALA A 196 -4.36 -21.95 -3.98
C ALA A 196 -4.04 -20.47 -4.16
N LYS A 197 -3.79 -20.06 -5.41
CA LYS A 197 -3.53 -18.66 -5.71
C LYS A 197 -4.71 -17.79 -5.32
N ASN A 198 -5.93 -18.33 -5.40
CA ASN A 198 -7.16 -17.61 -5.13
C ASN A 198 -7.46 -17.52 -3.65
N PHE A 199 -7.15 -18.57 -2.89
CA PHE A 199 -7.31 -18.52 -1.44
C PHE A 199 -6.53 -17.36 -0.85
N ILE A 200 -5.37 -17.07 -1.42
CA ILE A 200 -4.57 -15.97 -0.88
C ILE A 200 -5.11 -14.64 -1.37
N LEU A 201 -5.54 -14.56 -2.63
CA LEU A 201 -6.32 -13.41 -3.09
C LEU A 201 -7.47 -13.12 -2.14
N MET A 202 -8.21 -14.16 -1.78
CA MET A 202 -9.32 -13.97 -0.85
C MET A 202 -8.82 -13.67 0.56
N ALA A 203 -7.76 -14.37 1.00
CA ALA A 203 -7.23 -14.14 2.33
C ALA A 203 -6.68 -12.72 2.46
N GLN A 204 -5.92 -12.27 1.45
CA GLN A 204 -5.39 -10.92 1.50
C GLN A 204 -6.52 -9.89 1.40
N SER A 205 -7.57 -10.22 0.67
CA SER A 205 -8.71 -9.30 0.58
C SER A 205 -9.37 -9.11 1.94
N LEU A 206 -9.27 -10.10 2.82
CA LEU A 206 -9.85 -10.03 4.15
C LEU A 206 -8.95 -9.32 5.14
N ILE A 207 -7.66 -9.64 5.12
CA ILE A 207 -6.66 -9.01 5.97
C ILE A 207 -6.78 -7.50 5.79
N SER A 208 -6.80 -7.07 4.54
CA SER A 208 -6.94 -5.66 4.23
C SER A 208 -8.22 -5.11 4.82
N LEU A 209 -9.33 -5.83 4.61
CA LEU A 209 -10.60 -5.42 5.17
C LEU A 209 -10.54 -5.30 6.69
N ILE A 210 -9.81 -6.21 7.33
CA ILE A 210 -9.61 -6.13 8.78
C ILE A 210 -8.82 -4.87 9.12
N ARG A 211 -7.70 -4.65 8.41
CA ARG A 211 -6.88 -3.47 8.63
C ARG A 211 -7.68 -2.21 8.35
N LEU A 212 -8.72 -2.32 7.52
CA LEU A 212 -9.61 -1.21 7.25
C LEU A 212 -10.53 -0.95 8.43
N LEU A 213 -11.12 -2.02 8.97
CA LEU A 213 -12.07 -1.87 10.06
C LEU A 213 -11.40 -1.28 11.29
N ALA A 214 -10.13 -1.62 11.52
CA ALA A 214 -9.42 -1.06 12.66
C ALA A 214 -9.29 0.44 12.53
N LEU A 215 -9.17 0.94 11.30
CA LEU A 215 -9.11 2.38 11.07
C LEU A 215 -10.39 3.05 11.53
N ILE A 216 -11.53 2.51 11.10
CA ILE A 216 -12.83 3.15 11.36
C ILE A 216 -13.07 3.29 12.85
N THR A 217 -12.72 2.27 13.62
CA THR A 217 -12.82 2.37 15.07
C THR A 217 -11.96 3.51 15.59
N ARG A 218 -10.66 3.49 15.26
CA ARG A 218 -9.78 4.56 15.69
C ARG A 218 -10.21 5.90 15.10
N ALA A 219 -10.85 5.88 13.93
CA ALA A 219 -11.45 7.09 13.39
C ALA A 219 -12.69 7.47 14.16
N LEU A 220 -13.52 6.48 14.49
CA LEU A 220 -14.72 6.74 15.29
C LEU A 220 -14.34 7.25 16.67
N ASN A 221 -13.35 6.62 17.30
CA ASN A 221 -12.92 7.06 18.61
C ASN A 221 -12.32 8.46 18.53
N LEU A 222 -11.72 8.83 17.40
CA LEU A 222 -11.23 10.18 17.24
C LEU A 222 -12.36 11.18 17.23
N GLN A 223 -13.54 10.75 16.79
CA GLN A 223 -14.69 11.65 16.78
C GLN A 223 -15.06 12.08 18.19
N LEU A 224 -15.02 11.15 19.15
CA LEU A 224 -15.43 11.49 20.50
C LEU A 224 -14.42 12.43 21.16
N GLN A 225 -13.15 12.36 20.77
CA GLN A 225 -12.15 13.23 21.37
C GLN A 225 -12.37 14.69 21.01
N ALA A 226 -12.95 14.95 19.85
CA ALA A 226 -13.21 16.32 19.40
C ALA A 226 -14.26 17.01 20.27
N GLN A 237 -6.89 15.85 14.54
CA GLN A 237 -5.67 16.22 13.79
C GLN A 237 -4.70 15.03 13.70
N GLU A 238 -5.04 13.93 14.37
CA GLU A 238 -4.34 12.67 14.16
C GLU A 238 -4.81 11.98 12.88
N LEU A 239 -6.00 12.33 12.39
CA LEU A 239 -6.64 11.67 11.26
C LEU A 239 -5.76 11.64 10.02
N LYS A 240 -4.68 12.43 10.02
CA LYS A 240 -3.70 12.32 8.94
C LYS A 240 -3.08 10.93 8.89
N ARG A 241 -2.87 10.30 10.05
CA ARG A 241 -2.37 8.93 10.06
C ARG A 241 -3.37 7.97 9.45
N LEU A 242 -4.67 8.29 9.52
CA LEU A 242 -5.69 7.46 8.91
C LEU A 242 -5.61 7.56 7.39
N LYS A 243 -5.66 8.78 6.87
CA LYS A 243 -5.60 9.00 5.42
C LYS A 243 -4.43 8.25 4.80
N LYS A 244 -3.26 8.29 5.45
CA LYS A 244 -2.12 7.49 5.02
C LYS A 244 -2.55 6.03 4.85
N GLU A 245 -2.79 5.35 5.97
CA GLU A 245 -3.05 3.91 5.95
C GLU A 245 -4.25 3.57 5.07
N VAL A 246 -5.23 4.48 4.97
CA VAL A 246 -6.34 4.26 4.05
C VAL A 246 -5.84 4.19 2.62
N GLU A 247 -5.04 5.18 2.21
CA GLU A 247 -4.49 5.15 0.86
C GLU A 247 -3.55 3.97 0.67
N LYS A 248 -2.87 3.54 1.74
CA LYS A 248 -2.09 2.31 1.67
C LYS A 248 -2.97 1.14 1.25
N ILE A 249 -4.07 0.95 1.96
CA ILE A 249 -4.94 -0.19 1.68
C ILE A 249 -5.69 0.00 0.38
N ARG A 250 -5.79 1.23 -0.13
CA ARG A 250 -6.31 1.43 -1.47
C ARG A 250 -5.48 0.67 -2.49
N GLU A 251 -4.17 0.95 -2.54
CA GLU A 251 -3.33 0.39 -3.58
C GLU A 251 -3.26 -1.12 -3.49
N GLU A 252 -2.83 -1.65 -2.33
CA GLU A 252 -2.68 -3.09 -2.15
C GLU A 252 -3.95 -3.85 -2.46
N GLN A 253 -5.12 -3.24 -2.22
CA GLN A 253 -6.38 -3.87 -2.60
C GLN A 253 -6.50 -3.94 -4.12
N GLU A 254 -6.11 -2.87 -4.81
CA GLU A 254 -6.12 -2.87 -6.26
C GLU A 254 -5.05 -3.78 -6.85
N GLU A 255 -4.02 -4.14 -6.06
CA GLU A 255 -3.12 -5.21 -6.48
C GLU A 255 -3.86 -6.54 -6.54
N VAL A 256 -4.63 -6.85 -5.49
CA VAL A 256 -5.42 -8.09 -5.48
C VAL A 256 -6.61 -7.96 -6.42
N ASN A 257 -7.22 -6.78 -6.47
CA ASN A 257 -8.34 -6.54 -7.37
C ASN A 257 -7.98 -6.86 -8.81
N LYS A 258 -6.78 -6.48 -9.25
CA LYS A 258 -6.39 -6.73 -10.63
C LYS A 258 -5.98 -8.18 -10.83
N GLU A 259 -5.36 -8.79 -9.82
CA GLU A 259 -5.03 -10.20 -9.89
C GLU A 259 -6.29 -11.06 -10.05
N ILE A 260 -7.37 -10.70 -9.35
CA ILE A 260 -8.64 -11.41 -9.49
C ILE A 260 -9.16 -11.34 -10.93
N GLU A 261 -8.98 -10.19 -11.59
CA GLU A 261 -9.57 -9.97 -12.90
C GLU A 261 -9.07 -11.00 -13.92
N GLU A 262 -7.78 -11.32 -13.88
CA GLU A 262 -7.24 -12.23 -14.87
C GLU A 262 -7.40 -13.70 -14.48
N SER A 263 -7.72 -14.00 -13.22
CA SER A 263 -8.07 -15.36 -12.84
C SER A 263 -9.42 -15.79 -13.41
N LYS A 264 -10.22 -14.84 -13.92
CA LYS A 264 -11.46 -15.18 -14.60
C LYS A 264 -11.21 -15.60 -16.04
N LYS A 265 -10.19 -15.04 -16.67
CA LYS A 265 -9.96 -15.27 -18.10
C LYS A 265 -9.29 -16.62 -18.34
N ARG A 266 -8.54 -17.14 -17.37
CA ARG A 266 -7.95 -18.45 -17.48
C ARG A 266 -9.03 -19.53 -17.25
N LEU A 272 -15.01 -23.69 -9.63
CA LEU A 272 -14.15 -22.81 -8.83
C LEU A 272 -14.59 -21.37 -9.04
N LYS A 273 -15.42 -21.16 -10.06
CA LYS A 273 -15.96 -19.85 -10.39
C LYS A 273 -16.65 -19.23 -9.18
N ASN A 274 -17.33 -20.06 -8.39
CA ASN A 274 -17.99 -19.57 -7.19
C ASN A 274 -16.99 -18.92 -6.24
N PHE A 275 -15.82 -19.55 -6.10
CA PHE A 275 -14.78 -19.01 -5.21
C PHE A 275 -14.37 -17.62 -5.66
N ILE A 276 -14.38 -17.36 -6.97
CA ILE A 276 -13.86 -16.11 -7.51
C ILE A 276 -14.84 -14.97 -7.26
N LEU A 277 -16.11 -15.19 -7.58
CA LEU A 277 -17.11 -14.16 -7.36
C LEU A 277 -17.22 -13.83 -5.88
N LEU A 278 -17.06 -14.84 -5.03
CA LEU A 278 -17.07 -14.60 -3.59
C LEU A 278 -15.87 -13.76 -3.17
N ALA A 279 -14.74 -13.91 -3.86
CA ALA A 279 -13.63 -13.01 -3.62
C ALA A 279 -13.95 -11.61 -4.11
N GLN A 280 -14.80 -11.48 -5.13
CA GLN A 280 -15.25 -10.17 -5.54
C GLN A 280 -16.28 -9.59 -4.59
N LEU A 281 -16.95 -10.45 -3.80
CA LEU A 281 -17.76 -9.94 -2.70
C LEU A 281 -16.89 -9.19 -1.70
N ILE A 282 -15.75 -9.79 -1.34
CA ILE A 282 -14.89 -9.23 -0.30
C ILE A 282 -14.30 -7.91 -0.78
N SER A 283 -13.88 -7.85 -2.04
CA SER A 283 -13.25 -6.65 -2.55
C SER A 283 -14.21 -5.47 -2.54
N SER A 284 -15.49 -5.72 -2.81
CA SER A 284 -16.47 -4.63 -2.75
C SER A 284 -16.66 -4.17 -1.31
N MET A 285 -16.54 -5.08 -0.34
CA MET A 285 -16.59 -4.69 1.05
C MET A 285 -15.49 -3.69 1.38
N VAL A 286 -14.27 -3.99 0.93
CA VAL A 286 -13.15 -3.06 1.13
C VAL A 286 -13.46 -1.73 0.47
N ARG A 287 -14.11 -1.75 -0.69
CA ARG A 287 -14.52 -0.52 -1.34
C ARG A 287 -15.59 0.19 -0.52
N LEU A 288 -16.64 -0.55 -0.14
CA LEU A 288 -17.69 0.02 0.69
C LEU A 288 -17.12 0.62 1.97
N TRP A 289 -16.25 -0.13 2.67
CA TRP A 289 -15.69 0.37 3.92
C TRP A 289 -14.74 1.53 3.67
N GLU A 290 -14.05 1.52 2.52
CA GLU A 290 -13.26 2.69 2.16
C GLU A 290 -14.16 3.92 2.09
N LEU A 291 -15.34 3.78 1.45
CA LEU A 291 -16.26 4.89 1.41
C LEU A 291 -16.75 5.26 2.81
N ILE A 292 -17.00 4.25 3.68
CA ILE A 292 -17.46 4.56 5.03
C ILE A 292 -16.44 5.45 5.73
N ILE A 293 -15.16 5.08 5.60
CA ILE A 293 -14.08 5.87 6.20
C ILE A 293 -14.00 7.25 5.55
N ARG A 294 -14.10 7.28 4.21
CA ARG A 294 -14.10 8.57 3.54
C ARG A 294 -15.28 9.43 3.98
N ILE A 295 -16.43 8.80 4.23
CA ILE A 295 -17.55 9.55 4.79
C ILE A 295 -17.19 10.07 6.18
N LEU A 296 -16.47 9.27 6.97
CA LEU A 296 -16.14 9.68 8.34
C LEU A 296 -15.24 10.90 8.34
N GLN A 297 -14.10 10.81 7.65
CA GLN A 297 -13.15 11.93 7.62
C GLN A 297 -13.77 13.19 7.06
N LEU A 298 -14.82 13.08 6.27
CA LEU A 298 -15.54 14.25 5.80
C LEU A 298 -16.56 14.71 6.83
N GLN A 299 -17.22 13.75 7.49
CA GLN A 299 -18.14 14.04 8.59
C GLN A 299 -17.44 14.82 9.69
N LEU A 300 -16.11 14.72 9.77
CA LEU A 300 -15.31 15.39 10.79
C LEU A 300 -15.44 16.90 10.65
N GLN A 301 -14.63 17.51 9.79
CA GLN A 301 -14.70 18.96 9.57
C GLN A 301 -16.00 19.31 8.85
N GLU A 308 -16.16 25.70 1.93
CA GLU A 308 -17.50 25.21 1.65
C GLU A 308 -17.56 24.53 0.28
N ASP A 309 -16.58 24.82 -0.58
CA ASP A 309 -16.39 24.08 -1.81
C ASP A 309 -15.35 22.98 -1.67
N GLU A 310 -14.34 23.20 -0.82
CA GLU A 310 -13.50 22.09 -0.38
C GLU A 310 -14.37 20.98 0.21
N LEU A 311 -15.42 21.36 0.93
CA LEU A 311 -16.45 20.43 1.36
C LEU A 311 -17.11 19.79 0.15
N ARG A 312 -17.81 20.61 -0.67
CA ARG A 312 -18.54 20.08 -1.81
C ARG A 312 -17.64 19.34 -2.79
N GLU A 313 -16.34 19.60 -2.76
CA GLU A 313 -15.39 18.90 -3.61
C GLU A 313 -15.35 17.41 -3.24
N GLU A 314 -14.76 17.09 -2.09
CA GLU A 314 -14.69 15.70 -1.65
C GLU A 314 -16.06 15.12 -1.34
N LEU A 315 -17.09 15.97 -1.19
CA LEU A 315 -18.43 15.50 -0.89
C LEU A 315 -19.01 14.72 -2.08
N LYS A 316 -19.21 15.38 -3.22
CA LYS A 316 -19.75 14.71 -4.39
C LYS A 316 -18.85 13.62 -4.92
N ARG A 317 -17.58 13.58 -4.49
CA ARG A 317 -16.75 12.41 -4.79
C ARG A 317 -17.33 11.17 -4.15
N LEU A 318 -17.75 11.27 -2.88
CA LEU A 318 -18.39 10.15 -2.21
C LEU A 318 -19.69 9.77 -2.91
N LYS A 319 -20.54 10.76 -3.18
CA LYS A 319 -21.79 10.49 -3.91
C LYS A 319 -21.52 9.90 -5.27
N LYS A 320 -20.46 10.38 -5.94
CA LYS A 320 -20.02 9.73 -7.16
C LYS A 320 -19.45 8.35 -6.87
N GLU A 321 -18.68 8.22 -5.78
CA GLU A 321 -18.14 6.91 -5.45
C GLU A 321 -19.25 5.95 -5.08
N THR A 322 -20.25 6.42 -4.34
CA THR A 322 -21.39 5.58 -3.97
C THR A 322 -22.10 5.06 -5.21
N GLU A 323 -22.19 5.88 -6.26
CA GLU A 323 -22.83 5.44 -7.48
C GLU A 323 -22.03 4.32 -8.14
N LYS A 324 -20.71 4.38 -8.03
CA LYS A 324 -19.88 3.33 -8.62
C LYS A 324 -20.11 2.00 -7.92
N ILE A 325 -20.12 1.99 -6.58
CA ILE A 325 -20.22 0.73 -5.84
C ILE A 325 -21.56 0.06 -6.07
N ARG A 326 -22.62 0.85 -6.34
CA ARG A 326 -23.94 0.27 -6.50
C ARG A 326 -23.98 -0.69 -7.69
N GLU A 327 -23.44 -0.25 -8.83
CA GLU A 327 -23.47 -1.08 -10.03
C GLU A 327 -22.49 -2.24 -9.89
N GLU A 328 -21.29 -1.97 -9.36
CA GLU A 328 -20.32 -3.03 -9.13
C GLU A 328 -20.91 -4.15 -8.30
N THR A 329 -21.75 -3.80 -7.33
CA THR A 329 -22.45 -4.81 -6.56
C THR A 329 -23.39 -5.61 -7.44
N GLU A 330 -24.24 -4.92 -8.22
CA GLU A 330 -25.18 -5.63 -9.10
C GLU A 330 -24.47 -6.33 -10.26
N GLU A 331 -23.20 -6.02 -10.50
CA GLU A 331 -22.42 -6.81 -11.45
C GLU A 331 -22.15 -8.20 -10.92
N VAL A 332 -21.75 -8.29 -9.65
CA VAL A 332 -21.59 -9.60 -9.02
C VAL A 332 -22.94 -10.29 -8.91
N LYS A 333 -24.02 -9.52 -8.74
CA LYS A 333 -25.36 -10.09 -8.61
C LYS A 333 -25.71 -10.93 -9.82
N LYS A 334 -25.40 -10.43 -11.02
CA LYS A 334 -25.78 -11.13 -12.23
C LYS A 334 -25.07 -12.48 -12.35
N GLU A 335 -23.75 -12.49 -12.14
CA GLU A 335 -22.99 -13.73 -12.37
C GLU A 335 -23.38 -14.82 -11.38
N ILE A 336 -23.76 -14.43 -10.16
CA ILE A 336 -24.32 -15.42 -9.24
C ILE A 336 -25.67 -15.90 -9.75
N GLU A 337 -26.56 -14.97 -10.11
CA GLU A 337 -27.87 -15.34 -10.63
C GLU A 337 -27.75 -16.12 -11.94
N GLU A 338 -26.68 -15.88 -12.71
CA GLU A 338 -26.45 -16.62 -13.94
C GLU A 338 -26.03 -18.06 -13.65
N SER A 339 -25.02 -18.24 -12.79
CA SER A 339 -24.36 -19.52 -12.63
C SER A 339 -25.25 -20.59 -12.01
N LYS A 340 -26.45 -20.76 -12.56
CA LYS A 340 -27.37 -21.82 -12.18
C LYS A 340 -28.01 -22.42 -13.43
N LYS A 347 -23.46 -29.92 -1.99
CA LYS A 347 -24.79 -29.33 -1.93
C LYS A 347 -24.74 -27.97 -1.22
N GLU A 348 -23.57 -27.64 -0.67
CA GLU A 348 -23.39 -26.32 -0.08
C GLU A 348 -23.43 -25.22 -1.13
N ILE A 349 -23.31 -25.58 -2.41
CA ILE A 349 -23.17 -24.60 -3.48
C ILE A 349 -24.38 -23.67 -3.52
N ILE A 350 -25.59 -24.24 -3.44
CA ILE A 350 -26.80 -23.43 -3.54
C ILE A 350 -26.97 -22.59 -2.27
N LEU A 351 -26.75 -23.20 -1.12
CA LEU A 351 -26.68 -22.47 0.14
C LEU A 351 -25.66 -21.34 0.05
N MET A 352 -24.51 -21.62 -0.57
CA MET A 352 -23.51 -20.59 -0.81
C MET A 352 -24.09 -19.48 -1.68
N LEU A 353 -24.81 -19.87 -2.74
CA LEU A 353 -25.33 -18.89 -3.70
C LEU A 353 -26.36 -17.97 -3.06
N GLN A 354 -27.40 -18.54 -2.44
CA GLN A 354 -28.46 -17.73 -1.85
C GLN A 354 -27.89 -16.80 -0.79
N LEU A 355 -26.86 -17.24 -0.08
CA LEU A 355 -26.14 -16.38 0.85
C LEU A 355 -25.47 -15.24 0.11
N GLU A 356 -24.76 -15.55 -0.98
CA GLU A 356 -24.08 -14.52 -1.76
C GLU A 356 -25.07 -13.55 -2.38
N ILE A 357 -26.22 -14.05 -2.83
CA ILE A 357 -27.23 -13.17 -3.40
C ILE A 357 -27.77 -12.24 -2.33
N ALA A 358 -28.20 -12.80 -1.19
CA ALA A 358 -28.76 -11.99 -0.11
C ALA A 358 -27.78 -10.93 0.35
N TRP A 359 -26.48 -11.24 0.32
CA TRP A 359 -25.47 -10.26 0.64
C TRP A 359 -25.48 -9.11 -0.36
N ILE A 360 -25.67 -9.43 -1.64
CA ILE A 360 -25.75 -8.38 -2.65
C ILE A 360 -26.92 -7.46 -2.35
N ARG A 361 -28.12 -8.04 -2.16
CA ARG A 361 -29.30 -7.26 -1.84
C ARG A 361 -29.09 -6.48 -0.55
N SER A 362 -28.50 -7.12 0.46
CA SER A 362 -28.26 -6.44 1.73
C SER A 362 -27.30 -5.27 1.56
N LEU A 363 -26.21 -5.48 0.83
CA LEU A 363 -25.23 -4.41 0.66
C LEU A 363 -25.85 -3.21 -0.06
N LEU A 364 -26.65 -3.48 -1.10
CA LEU A 364 -27.27 -2.41 -1.88
C LEU A 364 -28.14 -1.51 -1.03
N SER A 365 -28.82 -2.09 -0.04
CA SER A 365 -29.65 -1.29 0.85
C SER A 365 -28.78 -0.34 1.67
N ILE A 366 -27.57 -0.77 2.04
CA ILE A 366 -26.66 0.11 2.75
C ILE A 366 -26.22 1.24 1.82
N ILE A 367 -25.93 0.90 0.56
CA ILE A 367 -25.49 1.92 -0.41
C ILE A 367 -26.50 3.04 -0.49
N ARG A 368 -27.80 2.69 -0.52
CA ARG A 368 -28.85 3.70 -0.62
C ARG A 368 -28.86 4.60 0.62
N LEU A 369 -28.92 4.00 1.81
CA LEU A 369 -28.89 4.81 3.03
C LEU A 369 -27.65 5.69 3.08
N LEU A 370 -26.52 5.17 2.61
CA LEU A 370 -25.31 5.98 2.54
C LEU A 370 -25.50 7.16 1.59
N LYS A 371 -26.06 6.89 0.42
CA LYS A 371 -26.36 7.97 -0.52
C LYS A 371 -27.36 8.95 0.09
N LEU A 372 -28.39 8.41 0.75
CA LEU A 372 -29.37 9.27 1.43
C LEU A 372 -28.76 9.96 2.63
N GLN A 373 -27.75 9.36 3.25
CA GLN A 373 -27.06 10.02 4.34
C GLN A 373 -26.23 11.19 3.85
N LEU A 374 -25.74 11.11 2.61
CA LEU A 374 -24.78 12.07 2.10
C LEU A 374 -25.39 13.46 1.90
N GLU A 375 -26.69 13.60 2.14
CA GLU A 375 -27.33 14.91 2.01
C GLU A 375 -27.47 15.58 3.37
N GLU B 6 14.46 -13.58 8.50
CA GLU B 6 14.94 -12.23 8.74
C GLU B 6 14.28 -11.19 7.82
N LEU B 7 14.15 -11.54 6.52
CA LEU B 7 13.79 -10.55 5.51
C LEU B 7 12.43 -9.91 5.77
N LYS B 8 11.50 -10.70 6.32
CA LYS B 8 10.15 -10.21 6.56
C LYS B 8 10.16 -9.05 7.54
N ARG B 9 11.22 -8.91 8.34
CA ARG B 9 11.38 -7.70 9.15
C ARG B 9 11.47 -6.48 8.25
N LEU B 10 12.27 -6.56 7.19
CA LEU B 10 12.33 -5.46 6.23
C LEU B 10 11.01 -5.33 5.47
N LYS B 11 10.28 -6.43 5.32
CA LYS B 11 9.07 -6.45 4.50
C LYS B 11 7.89 -5.83 5.25
N LYS B 12 8.20 -5.15 6.35
CA LYS B 12 7.27 -4.28 7.07
C LYS B 12 7.55 -2.81 6.83
N GLU B 13 8.83 -2.43 6.77
CA GLU B 13 9.21 -1.03 6.63
C GLU B 13 8.74 -0.48 5.28
N GLN B 14 8.70 -1.33 4.26
CA GLN B 14 8.23 -0.92 2.94
C GLN B 14 6.84 -0.30 3.04
N GLU B 15 5.95 -0.92 3.83
CA GLU B 15 4.68 -0.27 4.14
C GLU B 15 4.91 1.00 4.96
N LYS B 16 5.71 0.88 6.02
CA LYS B 16 5.99 2.04 6.87
C LYS B 16 6.61 3.18 6.08
N ILE B 17 7.42 2.89 5.06
CA ILE B 17 7.91 3.97 4.22
C ILE B 17 6.82 4.42 3.25
N ARG B 18 6.05 3.47 2.72
CA ARG B 18 4.93 3.79 1.85
C ARG B 18 3.91 4.67 2.53
N GLU B 19 3.99 4.85 3.86
CA GLU B 19 3.00 5.64 4.59
C GLU B 19 3.11 7.13 4.26
N GLU B 20 4.18 7.78 4.73
CA GLU B 20 4.34 9.19 4.45
C GLU B 20 4.50 9.46 2.96
N ILE B 21 4.83 8.44 2.18
CA ILE B 21 4.81 8.58 0.73
C ILE B 21 3.43 9.07 0.29
N GLU B 22 2.40 8.33 0.69
CA GLU B 22 1.07 8.60 0.14
C GLU B 22 0.49 9.93 0.66
N GLU B 23 0.68 10.21 1.95
CA GLU B 23 0.11 11.44 2.51
C GLU B 23 0.83 12.67 1.99
N VAL B 24 2.17 12.66 2.01
CA VAL B 24 2.91 13.77 1.41
C VAL B 24 2.73 13.78 -0.10
N LYS B 25 2.39 12.65 -0.71
CA LYS B 25 1.91 12.66 -2.09
C LYS B 25 0.52 13.26 -2.17
N LYS B 26 -0.33 13.01 -1.17
CA LYS B 26 -1.67 13.59 -1.17
C LYS B 26 -1.67 15.03 -0.67
N GLU B 27 -0.75 15.37 0.22
CA GLU B 27 -0.55 16.77 0.60
C GLU B 27 -0.01 17.59 -0.57
N ILE B 28 0.54 16.95 -1.61
CA ILE B 28 1.10 17.69 -2.74
C ILE B 28 -0.01 18.30 -3.58
N GLU B 29 -1.01 17.51 -3.96
CA GLU B 29 -2.01 17.95 -4.92
C GLU B 29 -3.15 18.75 -4.28
N GLU B 30 -3.28 18.73 -2.96
CA GLU B 30 -4.21 19.65 -2.32
C GLU B 30 -3.75 21.09 -2.52
N SER B 31 -2.43 21.31 -2.48
CA SER B 31 -1.82 22.61 -2.70
C SER B 31 -1.47 22.84 -4.16
N LYS B 32 -1.37 21.78 -4.97
CA LYS B 32 -1.34 21.94 -6.42
C LYS B 32 -2.62 22.58 -6.94
N LYS B 33 -3.72 22.48 -6.18
CA LYS B 33 -4.91 23.28 -6.45
C LYS B 33 -4.63 24.76 -6.21
N ARG B 34 -4.25 25.10 -4.98
CA ARG B 34 -4.01 26.48 -4.57
C ARG B 34 -2.81 27.07 -5.31
N GLU B 38 5.22 30.44 -9.84
CA GLU B 38 6.21 29.87 -10.74
C GLU B 38 7.25 29.08 -9.94
N SER B 39 7.55 29.57 -8.73
CA SER B 39 8.46 28.86 -7.84
C SER B 39 7.76 27.69 -7.19
N GLN B 40 6.65 27.97 -6.49
CA GLN B 40 5.89 26.95 -5.80
C GLN B 40 5.53 25.79 -6.73
N LYS B 41 5.39 26.06 -8.02
CA LYS B 41 5.21 24.99 -8.99
C LYS B 41 6.35 23.97 -8.89
N ASN B 42 7.57 24.42 -9.20
CA ASN B 42 8.72 23.55 -9.24
C ASN B 42 9.20 23.12 -7.86
N PHE B 43 8.77 23.80 -6.80
CA PHE B 43 8.94 23.24 -5.47
C PHE B 43 8.05 22.01 -5.30
N ILE B 44 6.77 22.13 -5.69
CA ILE B 44 5.90 20.96 -5.73
C ILE B 44 6.44 19.94 -6.72
N LEU B 45 6.89 20.40 -7.89
CA LEU B 45 7.34 19.49 -8.95
C LEU B 45 8.53 18.64 -8.50
N SER B 46 9.41 19.19 -7.65
CA SER B 46 10.60 18.44 -7.23
C SER B 46 10.22 17.33 -6.26
N LEU B 47 9.42 17.66 -5.24
CA LEU B 47 8.98 16.68 -4.24
C LEU B 47 8.36 15.46 -4.91
N GLN B 48 7.62 15.66 -6.00
CA GLN B 48 7.00 14.53 -6.67
C GLN B 48 8.04 13.57 -7.24
N LEU B 49 9.14 14.13 -7.79
CA LEU B 49 10.22 13.26 -8.25
C LEU B 49 10.88 12.55 -7.08
N PHE B 50 11.08 13.25 -5.96
CA PHE B 50 11.60 12.61 -4.76
C PHE B 50 10.74 11.41 -4.38
N ILE B 51 9.42 11.55 -4.50
CA ILE B 51 8.53 10.42 -4.22
C ILE B 51 8.69 9.34 -5.29
N SER B 52 8.72 9.74 -6.56
CA SER B 52 8.95 8.77 -7.61
C SER B 52 10.29 8.07 -7.44
N MET B 53 11.25 8.75 -6.79
CA MET B 53 12.49 8.11 -6.42
C MET B 53 12.34 7.25 -5.17
N LEU B 54 11.56 7.73 -4.20
CA LEU B 54 11.32 6.95 -2.98
C LEU B 54 10.72 5.60 -3.31
N ARG B 55 9.67 5.60 -4.13
CA ARG B 55 9.06 4.34 -4.53
C ARG B 55 10.04 3.51 -5.36
N LEU B 56 10.85 4.17 -6.18
CA LEU B 56 11.86 3.47 -6.96
C LEU B 56 12.80 2.68 -6.06
N LYS B 57 13.16 3.24 -4.90
CA LYS B 57 14.03 2.50 -3.99
C LYS B 57 13.29 1.33 -3.37
N LEU B 58 12.01 1.51 -3.05
CA LEU B 58 11.22 0.42 -2.49
C LEU B 58 11.11 -0.72 -3.49
N LEU B 59 10.93 -0.41 -4.77
CA LEU B 59 10.96 -1.44 -5.80
C LEU B 59 12.32 -2.13 -5.82
N TRP B 60 13.39 -1.33 -5.81
CA TRP B 60 14.73 -1.91 -5.78
C TRP B 60 14.98 -2.70 -4.51
N SER B 61 14.36 -2.29 -3.40
CA SER B 61 14.52 -3.06 -2.17
C SER B 61 13.87 -4.43 -2.30
N ARG B 62 12.62 -4.47 -2.80
CA ARG B 62 11.95 -5.74 -3.02
C ARG B 62 12.68 -6.57 -4.07
N ALA B 63 13.32 -5.92 -5.03
CA ALA B 63 14.09 -6.65 -6.04
C ALA B 63 15.29 -7.34 -5.41
N LEU B 64 15.96 -6.68 -4.47
CA LEU B 64 17.11 -7.29 -3.81
C LEU B 64 16.69 -8.46 -2.94
N ALA B 65 15.57 -8.32 -2.24
CA ALA B 65 15.05 -9.43 -1.45
C ALA B 65 14.73 -10.64 -2.31
N LEU B 66 14.36 -10.42 -3.57
CA LEU B 66 14.06 -11.54 -4.46
C LEU B 66 15.32 -12.34 -4.77
N GLN B 67 16.40 -11.65 -5.17
CA GLN B 67 17.67 -12.32 -5.42
C GLN B 67 18.17 -13.00 -4.15
N LEU B 68 18.02 -12.35 -3.01
CA LEU B 68 18.53 -12.92 -1.76
C LEU B 68 17.87 -14.26 -1.47
N GLN B 69 16.54 -14.30 -1.55
CA GLN B 69 15.81 -15.55 -1.37
C GLN B 69 15.83 -16.44 -2.61
N ARG B 70 16.27 -15.90 -3.76
CA ARG B 70 16.57 -16.76 -4.89
C ARG B 70 17.69 -17.73 -4.57
N GLU B 71 18.70 -17.25 -3.82
CA GLU B 71 19.86 -18.07 -3.53
C GLU B 71 19.73 -18.87 -2.24
N ARG B 72 18.89 -18.40 -1.30
CA ARG B 72 18.71 -19.13 -0.04
C ARG B 72 18.28 -20.58 -0.30
N LEU B 73 17.35 -20.77 -1.22
CA LEU B 73 16.93 -22.10 -1.63
C LEU B 73 16.65 -22.08 -3.12
N THR B 74 17.25 -23.02 -3.85
CA THR B 74 17.04 -23.10 -5.30
C THR B 74 17.11 -24.55 -5.75
N ASP B 75 16.63 -25.48 -4.93
CA ASP B 75 16.60 -26.88 -5.32
C ASP B 75 15.56 -27.12 -6.39
N THR B 76 14.31 -26.71 -6.12
CA THR B 76 13.27 -26.64 -7.14
C THR B 76 12.76 -25.20 -7.17
N ASP B 77 11.59 -24.98 -7.76
CA ASP B 77 11.19 -23.63 -8.14
C ASP B 77 9.92 -23.17 -7.42
N GLU B 78 9.63 -23.71 -6.23
CA GLU B 78 8.62 -23.07 -5.41
C GLU B 78 9.14 -21.76 -4.82
N VAL B 79 10.47 -21.59 -4.76
CA VAL B 79 11.04 -20.27 -4.54
C VAL B 79 10.81 -19.40 -5.76
N ASP B 80 11.00 -19.96 -6.97
CA ASP B 80 10.70 -19.23 -8.19
C ASP B 80 9.21 -18.95 -8.34
N ARG B 81 8.35 -19.79 -7.77
CA ARG B 81 6.91 -19.59 -7.94
C ARG B 81 6.46 -18.31 -7.25
N ARG B 82 6.75 -18.17 -5.96
CA ARG B 82 6.47 -16.92 -5.25
C ARG B 82 7.17 -15.74 -5.91
N ARG B 83 8.17 -16.01 -6.75
CA ARG B 83 8.95 -14.95 -7.39
C ARG B 83 8.25 -14.40 -8.62
N GLU B 84 7.87 -15.27 -9.56
CA GLU B 84 7.32 -14.80 -10.84
C GLU B 84 6.08 -13.94 -10.63
N GLN B 85 5.26 -14.26 -9.63
CA GLN B 85 4.07 -13.45 -9.37
C GLN B 85 4.45 -12.09 -8.80
N GLU B 86 5.36 -12.06 -7.82
CA GLU B 86 5.87 -10.80 -7.32
C GLU B 86 6.65 -10.06 -8.40
N LEU B 87 7.26 -10.80 -9.31
CA LEU B 87 7.92 -10.16 -10.45
C LEU B 87 6.95 -9.31 -11.25
N LYS B 88 5.71 -9.77 -11.39
CA LYS B 88 4.70 -8.97 -12.07
C LYS B 88 4.27 -7.79 -11.22
N ARG B 89 4.17 -7.99 -9.90
CA ARG B 89 3.71 -6.93 -9.02
C ARG B 89 4.65 -5.73 -9.06
N LEU B 90 5.96 -5.97 -8.96
CA LEU B 90 6.88 -4.85 -9.00
C LEU B 90 7.08 -4.35 -10.42
N LYS B 91 6.96 -5.23 -11.42
CA LYS B 91 6.97 -4.78 -12.80
C LYS B 91 5.91 -3.74 -13.05
N LYS B 92 4.74 -3.91 -12.42
CA LYS B 92 3.70 -2.89 -12.53
C LYS B 92 4.10 -1.62 -11.81
N GLU B 93 4.56 -1.74 -10.56
CA GLU B 93 4.92 -0.55 -9.78
C GLU B 93 6.00 0.27 -10.48
N LEU B 94 6.80 -0.36 -11.34
CA LEU B 94 7.68 0.38 -12.23
C LEU B 94 6.89 1.36 -13.08
N GLU B 95 5.89 0.85 -13.79
CA GLU B 95 5.15 1.67 -14.74
C GLU B 95 4.24 2.66 -14.04
N LYS B 96 3.79 2.34 -12.82
CA LYS B 96 3.00 3.30 -12.06
C LYS B 96 3.80 4.56 -11.76
N LEU B 97 5.14 4.43 -11.69
CA LEU B 97 5.96 5.63 -11.61
C LEU B 97 6.24 6.19 -13.00
N ARG B 98 6.37 5.31 -14.00
CA ARG B 98 6.62 5.76 -15.36
C ARG B 98 5.54 6.74 -15.82
N GLU B 99 4.31 6.52 -15.38
CA GLU B 99 3.25 7.48 -15.67
C GLU B 99 3.40 8.72 -14.81
N GLU B 100 3.59 8.53 -13.49
CA GLU B 100 3.79 9.66 -12.60
C GLU B 100 5.00 10.47 -13.03
N THR B 101 6.05 9.82 -13.53
CA THR B 101 7.20 10.55 -14.05
C THR B 101 6.79 11.40 -15.24
N GLU B 102 5.96 10.87 -16.12
CA GLU B 102 5.49 11.64 -17.28
C GLU B 102 4.86 12.95 -16.84
N GLU B 103 3.95 12.90 -15.85
CA GLU B 103 3.22 14.09 -15.44
C GLU B 103 4.18 15.22 -15.08
N VAL B 104 5.04 14.96 -14.10
CA VAL B 104 6.04 15.96 -13.70
C VAL B 104 6.93 16.32 -14.87
N LYS B 105 7.28 15.32 -15.69
CA LYS B 105 8.22 15.54 -16.77
C LYS B 105 7.73 16.63 -17.71
N LYS B 106 6.47 16.54 -18.14
CA LYS B 106 5.90 17.53 -19.05
C LYS B 106 5.51 18.81 -18.34
N GLU B 107 5.30 18.80 -17.03
CA GLU B 107 5.12 20.05 -16.30
C GLU B 107 6.43 20.81 -16.14
N ILE B 108 7.55 20.20 -16.48
CA ILE B 108 8.84 20.88 -16.46
C ILE B 108 9.14 21.49 -17.82
N GLU B 109 8.70 20.86 -18.91
CA GLU B 109 8.87 21.42 -20.24
C GLU B 109 8.17 22.78 -20.34
N GLU B 110 6.84 22.78 -20.22
CA GLU B 110 6.08 24.02 -20.33
C GLU B 110 6.34 24.98 -19.18
N SER B 111 7.07 24.55 -18.16
CA SER B 111 7.61 25.47 -17.16
C SER B 111 8.82 26.24 -17.69
N LYS B 112 9.50 25.71 -18.70
CA LYS B 112 10.65 26.41 -19.28
C LYS B 112 10.19 27.53 -20.21
N LYS B 113 9.06 27.34 -20.89
CA LYS B 113 8.55 28.32 -21.86
C LYS B 113 7.97 29.55 -21.17
N ARG B 114 8.56 29.96 -20.05
CA ARG B 114 8.09 31.05 -19.22
C ARG B 114 9.24 31.96 -18.92
N PRO B 115 8.98 33.23 -18.51
CA PRO B 115 10.10 34.15 -18.33
C PRO B 115 10.99 33.80 -17.14
N SER B 119 19.25 30.78 -8.86
CA SER B 119 17.90 31.15 -8.44
C SER B 119 16.85 30.23 -9.07
N LEU B 120 15.79 30.82 -9.64
CA LEU B 120 14.65 30.04 -10.10
C LEU B 120 14.94 29.32 -11.41
N LYS B 121 15.68 29.96 -12.33
CA LYS B 121 15.93 29.34 -13.63
C LYS B 121 16.72 28.04 -13.49
N ASN B 122 17.51 27.90 -12.43
CA ASN B 122 18.35 26.73 -12.31
C ASN B 122 17.68 25.60 -11.55
N ILE B 123 16.55 25.86 -10.87
CA ILE B 123 15.78 24.79 -10.23
C ILE B 123 15.33 23.78 -11.28
N ILE B 124 14.93 24.31 -12.45
CA ILE B 124 14.47 23.48 -13.56
C ILE B 124 15.54 22.46 -13.95
N LEU B 125 16.80 22.89 -13.98
CA LEU B 125 17.87 22.02 -14.43
C LEU B 125 18.04 20.82 -13.51
N ILE B 126 17.97 21.06 -12.20
CA ILE B 126 18.10 19.96 -11.24
C ILE B 126 16.95 18.97 -11.42
N ASN B 127 15.76 19.48 -11.72
CA ASN B 127 14.61 18.61 -11.94
C ASN B 127 14.82 17.74 -13.16
N GLN B 128 15.30 18.32 -14.26
CA GLN B 128 15.72 17.53 -15.42
C GLN B 128 16.74 16.48 -15.03
N LEU B 129 17.79 16.90 -14.32
CA LEU B 129 18.75 15.95 -13.76
C LEU B 129 18.06 14.91 -12.89
N LEU B 130 17.15 15.35 -12.01
CA LEU B 130 16.40 14.41 -11.20
C LEU B 130 15.70 13.39 -12.07
N ILE B 131 15.00 13.85 -13.12
CA ILE B 131 14.34 12.95 -14.06
C ILE B 131 15.37 12.04 -14.72
N LEU B 132 16.47 12.63 -15.20
CA LEU B 132 17.53 11.84 -15.84
C LEU B 132 17.99 10.71 -14.94
N VAL B 133 17.98 10.92 -13.62
CA VAL B 133 18.33 9.84 -12.70
C VAL B 133 17.23 8.78 -12.69
N ILE B 134 15.98 9.22 -12.63
CA ILE B 134 14.87 8.27 -12.55
C ILE B 134 14.77 7.44 -13.82
N ARG B 135 14.99 8.08 -14.98
CA ARG B 135 14.93 7.35 -16.24
C ARG B 135 15.94 6.20 -16.26
N SER B 136 17.06 6.36 -15.56
CA SER B 136 18.16 5.41 -15.62
C SER B 136 18.03 4.32 -14.57
N GLU B 137 17.79 4.68 -13.32
CA GLU B 137 17.52 3.68 -12.30
C GLU B 137 16.43 2.73 -12.75
N TYR B 138 15.43 3.28 -13.46
CA TYR B 138 14.42 2.51 -14.17
C TYR B 138 15.00 1.29 -14.88
N LEU B 139 15.82 1.54 -15.90
CA LEU B 139 16.32 0.45 -16.75
C LEU B 139 17.12 -0.54 -15.93
N ILE B 140 17.83 -0.09 -14.91
CA ILE B 140 18.46 -1.02 -13.98
C ILE B 140 17.43 -2.03 -13.49
N ILE B 141 16.28 -1.54 -13.04
CA ILE B 141 15.26 -2.42 -12.51
C ILE B 141 14.70 -3.32 -13.62
N ARG B 142 14.26 -2.70 -14.71
CA ARG B 142 13.71 -3.46 -15.83
C ARG B 142 14.66 -4.56 -16.29
N ASN B 143 15.96 -4.25 -16.34
CA ASN B 143 16.92 -5.29 -16.64
C ASN B 143 16.84 -6.39 -15.60
N LEU B 144 17.19 -6.06 -14.36
CA LEU B 144 17.19 -7.06 -13.29
C LEU B 144 15.84 -7.76 -13.16
N ILE B 145 14.74 -7.01 -13.29
CA ILE B 145 13.41 -7.61 -13.16
C ILE B 145 13.23 -8.73 -14.16
N SER B 146 13.70 -8.52 -15.38
CA SER B 146 13.60 -9.55 -16.41
C SER B 146 14.65 -10.64 -16.23
N GLN B 147 15.78 -10.34 -15.60
CA GLN B 147 16.82 -11.34 -15.42
C GLN B 147 16.39 -12.41 -14.43
N LEU B 148 15.13 -12.36 -13.99
CA LEU B 148 14.57 -13.41 -13.16
C LEU B 148 13.49 -14.24 -13.85
N GLN B 149 12.95 -13.78 -14.98
CA GLN B 149 12.06 -14.63 -15.78
C GLN B 149 12.84 -15.66 -16.58
N ALA B 150 14.15 -15.45 -16.74
CA ALA B 150 14.99 -16.34 -17.52
C ALA B 150 15.36 -17.62 -16.79
N GLN B 151 15.26 -17.61 -15.45
CA GLN B 151 15.68 -18.75 -14.64
C GLN B 151 14.50 -19.71 -14.40
N LYS B 160 16.32 -12.69 -25.88
CA LYS B 160 17.08 -11.46 -25.71
C LYS B 160 16.15 -10.26 -25.69
N GLN B 161 14.87 -10.52 -25.47
CA GLN B 161 13.83 -9.50 -25.56
C GLN B 161 13.90 -8.51 -24.38
N GLU B 162 15.07 -7.92 -24.13
CA GLU B 162 15.25 -6.98 -23.04
C GLU B 162 16.50 -6.13 -23.21
N GLN B 163 17.49 -6.67 -23.93
CA GLN B 163 18.76 -5.96 -24.06
C GLN B 163 18.61 -4.70 -24.89
N LYS B 164 17.93 -4.79 -26.03
CA LYS B 164 17.99 -3.74 -27.04
C LYS B 164 17.40 -2.43 -26.51
N ARG B 165 16.34 -2.49 -25.73
CA ARG B 165 15.68 -1.27 -25.26
C ARG B 165 16.63 -0.41 -24.43
N SER B 166 17.45 -1.02 -23.58
CA SER B 166 18.35 -0.23 -22.77
C SER B 166 19.51 0.35 -23.58
N LYS B 167 19.92 -0.35 -24.65
CA LYS B 167 21.00 0.16 -25.47
C LYS B 167 20.59 1.45 -26.18
N LYS B 168 19.43 1.44 -26.82
CA LYS B 168 18.95 2.67 -27.45
C LYS B 168 18.63 3.74 -26.41
N GLU B 169 18.14 3.33 -25.24
CA GLU B 169 17.74 4.30 -24.22
C GLU B 169 18.95 4.89 -23.52
N GLN B 170 19.97 4.06 -23.25
CA GLN B 170 21.23 4.57 -22.71
C GLN B 170 21.79 5.70 -23.57
N GLU B 171 21.45 5.70 -24.86
CA GLU B 171 21.75 6.85 -25.70
C GLU B 171 20.82 8.02 -25.40
N LYS B 172 19.53 7.75 -25.20
CA LYS B 172 18.58 8.85 -25.03
C LYS B 172 18.79 9.60 -23.72
N ILE B 173 19.33 8.95 -22.69
CA ILE B 173 19.70 9.65 -21.47
C ILE B 173 21.01 10.39 -21.65
N ARG B 174 22.01 9.74 -22.25
CA ARG B 174 23.29 10.40 -22.46
C ARG B 174 23.15 11.62 -23.35
N GLU B 175 22.18 11.61 -24.28
CA GLU B 175 21.95 12.77 -25.14
C GLU B 175 21.31 13.91 -24.35
N GLU B 176 20.37 13.59 -23.46
CA GLU B 176 19.81 14.60 -22.57
C GLU B 176 20.86 15.06 -21.57
N LEU B 177 21.62 14.11 -21.01
CA LEU B 177 22.65 14.46 -20.03
C LEU B 177 23.71 15.39 -20.62
N GLU B 178 23.98 15.28 -21.92
CA GLU B 178 24.95 16.17 -22.56
C GLU B 178 24.44 17.61 -22.55
N GLU B 179 23.29 17.84 -23.21
CA GLU B 179 22.74 19.19 -23.31
C GLU B 179 22.53 19.81 -21.94
N VAL B 180 22.19 18.99 -20.94
CA VAL B 180 21.95 19.50 -19.59
C VAL B 180 23.24 20.04 -18.98
N LYS B 181 24.32 19.25 -19.05
CA LYS B 181 25.55 19.64 -18.40
C LYS B 181 26.20 20.86 -19.04
N LYS B 182 25.89 21.14 -20.31
CA LYS B 182 26.46 22.31 -20.97
C LYS B 182 25.78 23.60 -20.59
N GLU B 183 24.47 23.53 -20.33
CA GLU B 183 23.68 24.61 -19.79
C GLU B 183 23.90 24.79 -18.30
N ILE B 184 24.98 24.22 -17.76
CA ILE B 184 25.29 24.32 -16.34
C ILE B 184 26.64 25.02 -16.17
N GLU B 185 27.67 24.49 -16.87
CA GLU B 185 28.96 25.15 -16.91
C GLU B 185 28.87 26.53 -17.54
N GLU B 186 27.87 26.74 -18.40
CA GLU B 186 27.63 28.06 -18.96
C GLU B 186 27.36 29.09 -17.87
N SER B 187 26.77 28.66 -16.75
CA SER B 187 26.54 29.54 -15.60
C SER B 187 27.40 29.21 -14.39
N LYS B 188 27.98 28.01 -14.32
CA LYS B 188 28.97 27.71 -13.28
C LYS B 188 30.19 28.61 -13.42
N LYS B 189 30.53 29.03 -14.63
CA LYS B 189 31.58 30.01 -14.80
C LYS B 189 31.13 31.40 -14.37
N ARG B 190 29.85 31.64 -14.33
CA ARG B 190 29.28 32.95 -14.04
C ARG B 190 29.20 33.19 -12.55
N PRO B 191 29.02 34.47 -12.13
CA PRO B 191 28.77 34.90 -10.76
C PRO B 191 27.83 33.95 -9.99
N SER B 195 26.00 31.51 -3.36
CA SER B 195 24.91 30.98 -2.54
C SER B 195 24.28 29.79 -3.25
N ALA B 196 23.53 30.08 -4.31
CA ALA B 196 22.95 29.05 -5.18
C ALA B 196 24.03 28.19 -5.82
N LYS B 197 25.30 28.56 -5.68
CA LYS B 197 26.41 27.69 -6.04
C LYS B 197 26.26 26.31 -5.42
N ASN B 198 25.42 26.16 -4.40
CA ASN B 198 25.14 24.82 -3.88
C ASN B 198 24.25 24.02 -4.80
N PHE B 199 23.53 24.67 -5.72
CA PHE B 199 22.95 23.93 -6.85
C PHE B 199 24.04 23.16 -7.58
N ILE B 200 25.16 23.84 -7.86
CA ILE B 200 26.24 23.25 -8.65
C ILE B 200 26.65 21.91 -8.06
N LEU B 201 26.85 21.87 -6.74
CA LEU B 201 27.24 20.63 -6.09
C LEU B 201 26.21 19.55 -6.31
N MET B 202 24.95 19.83 -5.94
CA MET B 202 23.88 18.85 -6.12
C MET B 202 23.73 18.48 -7.59
N ALA B 203 23.79 19.48 -8.48
CA ALA B 203 23.79 19.19 -9.90
C ALA B 203 24.99 18.31 -10.26
N GLN B 204 26.20 18.75 -9.88
CA GLN B 204 27.38 17.94 -10.12
C GLN B 204 27.25 16.56 -9.48
N SER B 205 26.71 16.51 -8.26
CA SER B 205 26.52 15.22 -7.60
C SER B 205 25.55 14.35 -8.39
N LEU B 206 24.46 14.95 -8.90
CA LEU B 206 23.53 14.19 -9.73
C LEU B 206 24.18 13.80 -11.06
N ILE B 207 24.97 14.70 -11.65
CA ILE B 207 25.66 14.38 -12.91
C ILE B 207 26.55 13.16 -12.71
N SER B 208 27.36 13.17 -11.64
CA SER B 208 28.18 12.01 -11.34
C SER B 208 27.33 10.77 -11.08
N LEU B 209 26.16 10.97 -10.47
CA LEU B 209 25.27 9.84 -10.20
C LEU B 209 24.79 9.21 -11.51
N ILE B 210 24.37 10.05 -12.47
CA ILE B 210 23.94 9.52 -13.77
C ILE B 210 25.12 8.91 -14.49
N ARG B 211 26.26 9.62 -14.49
CA ARG B 211 27.46 9.07 -15.10
C ARG B 211 27.85 7.75 -14.45
N LEU B 212 27.73 7.68 -13.13
CA LEU B 212 27.98 6.43 -12.43
C LEU B 212 26.91 5.39 -12.74
N LEU B 213 25.64 5.79 -12.74
CA LEU B 213 24.58 4.84 -13.03
C LEU B 213 24.64 4.35 -14.46
N ALA B 214 25.20 5.14 -15.37
CA ALA B 214 25.34 4.69 -16.76
C ALA B 214 26.25 3.47 -16.85
N LEU B 215 27.30 3.45 -16.02
CA LEU B 215 28.19 2.30 -16.00
C LEU B 215 27.49 1.06 -15.45
N ILE B 216 26.50 1.24 -14.58
CA ILE B 216 25.88 0.08 -13.93
C ILE B 216 25.00 -0.67 -14.92
N THR B 217 24.38 0.05 -15.87
CA THR B 217 23.62 -0.59 -16.94
C THR B 217 24.53 -1.41 -17.85
N ARG B 218 25.74 -0.90 -18.10
CA ARG B 218 26.76 -1.69 -18.78
C ARG B 218 27.03 -2.97 -18.01
N ALA B 219 26.96 -2.90 -16.68
CA ALA B 219 27.25 -4.06 -15.84
C ALA B 219 26.07 -5.02 -15.80
N LEU B 220 24.85 -4.48 -15.65
CA LEU B 220 23.68 -5.35 -15.59
C LEU B 220 23.42 -6.04 -16.91
N ASN B 221 23.75 -5.41 -18.03
CA ASN B 221 23.62 -6.09 -19.32
C ASN B 221 24.76 -7.06 -19.56
N LEU B 222 25.92 -6.85 -18.92
CA LEU B 222 26.96 -7.86 -18.97
C LEU B 222 26.55 -9.11 -18.20
N GLN B 223 25.72 -8.96 -17.16
CA GLN B 223 25.14 -10.12 -16.50
C GLN B 223 24.31 -10.96 -17.45
N LEU B 224 23.90 -10.37 -18.58
CA LEU B 224 23.20 -11.10 -19.62
C LEU B 224 24.16 -11.48 -20.74
N GLN B 225 24.44 -10.54 -21.63
CA GLN B 225 25.31 -10.78 -22.78
C GLN B 225 26.78 -10.74 -22.37
N LYS B 240 35.17 -4.25 -17.45
CA LYS B 240 36.55 -4.13 -16.99
C LYS B 240 37.03 -2.69 -17.11
N ARG B 241 36.69 -2.06 -18.22
CA ARG B 241 37.01 -0.64 -18.40
C ARG B 241 36.23 0.24 -17.44
N LEU B 242 35.10 -0.25 -16.92
CA LEU B 242 34.27 0.57 -16.05
C LEU B 242 34.89 0.72 -14.67
N LYS B 243 35.70 -0.25 -14.24
CA LYS B 243 36.44 -0.14 -12.99
C LYS B 243 37.33 1.09 -12.96
N LYS B 244 37.76 1.58 -14.13
CA LYS B 244 38.54 2.81 -14.28
C LYS B 244 37.63 4.02 -14.47
N GLU B 245 36.56 3.86 -15.26
CA GLU B 245 35.53 4.88 -15.33
C GLU B 245 34.86 5.12 -13.97
N VAL B 246 34.84 4.10 -13.10
CA VAL B 246 34.32 4.30 -11.76
C VAL B 246 35.28 5.18 -10.95
N GLU B 247 36.57 4.85 -10.98
CA GLU B 247 37.56 5.66 -10.28
C GLU B 247 37.55 7.10 -10.76
N LYS B 248 37.15 7.32 -12.01
CA LYS B 248 36.95 8.69 -12.49
C LYS B 248 35.80 9.35 -11.74
N ILE B 249 34.70 8.62 -11.55
CA ILE B 249 33.56 9.18 -10.82
C ILE B 249 33.91 9.35 -9.35
N ARG B 250 34.64 8.39 -8.78
CA ARG B 250 34.97 8.42 -7.35
C ARG B 250 35.69 9.71 -6.97
N GLU B 251 36.91 9.89 -7.49
CA GLU B 251 37.72 11.05 -7.12
C GLU B 251 37.09 12.38 -7.52
N GLU B 252 36.13 12.37 -8.45
CA GLU B 252 35.47 13.61 -8.83
C GLU B 252 34.36 13.98 -7.84
N GLN B 253 33.54 13.00 -7.46
CA GLN B 253 32.55 13.23 -6.41
C GLN B 253 33.22 13.47 -5.07
N GLU B 254 34.41 12.89 -4.85
CA GLU B 254 35.13 13.09 -3.60
C GLU B 254 35.35 14.57 -3.34
N GLU B 255 35.59 15.33 -4.40
CA GLU B 255 35.81 16.76 -4.31
C GLU B 255 34.54 17.56 -4.08
N VAL B 256 33.39 17.06 -4.57
CA VAL B 256 32.13 17.67 -4.18
C VAL B 256 31.88 17.44 -2.70
N ASN B 257 32.13 16.22 -2.22
CA ASN B 257 31.89 15.91 -0.81
C ASN B 257 32.82 16.71 0.10
N LYS B 258 34.04 16.97 -0.36
CA LYS B 258 34.94 17.81 0.42
C LYS B 258 34.44 19.25 0.46
N GLU B 259 34.05 19.79 -0.70
CA GLU B 259 33.39 21.09 -0.71
C GLU B 259 32.09 21.04 0.08
N ILE B 260 31.36 19.92 0.01
CA ILE B 260 30.13 19.77 0.78
C ILE B 260 30.39 20.03 2.26
N GLU B 261 31.46 19.42 2.79
CA GLU B 261 31.74 19.59 4.21
C GLU B 261 32.34 20.96 4.50
N GLU B 262 33.09 21.53 3.55
CA GLU B 262 33.61 22.88 3.70
C GLU B 262 32.50 23.94 3.75
N SER B 263 31.26 23.56 3.46
CA SER B 263 30.15 24.52 3.45
C SER B 263 29.20 24.39 4.63
N LYS B 264 29.15 23.22 5.28
CA LYS B 264 28.23 23.00 6.40
C LYS B 264 28.49 23.98 7.54
N GLU B 270 21.30 28.56 6.88
CA GLU B 270 19.90 28.77 7.17
C GLU B 270 19.02 28.18 6.07
N SER B 271 18.64 29.02 5.11
CA SER B 271 17.75 28.59 4.03
C SER B 271 18.37 27.47 3.21
N LEU B 272 19.56 27.73 2.63
CA LEU B 272 20.22 26.73 1.81
C LEU B 272 20.87 25.63 2.63
N LYS B 273 20.89 25.75 3.96
CA LYS B 273 21.53 24.75 4.78
C LYS B 273 20.75 23.44 4.79
N ASN B 274 19.43 23.51 4.59
CA ASN B 274 18.64 22.31 4.36
C ASN B 274 18.93 21.72 2.99
N PHE B 275 19.33 22.58 2.04
CA PHE B 275 19.65 22.15 0.69
C PHE B 275 20.99 21.44 0.60
N ILE B 276 21.93 21.76 1.48
CA ILE B 276 23.20 21.03 1.51
C ILE B 276 22.98 19.62 2.02
N LEU B 277 22.10 19.46 3.01
CA LEU B 277 21.72 18.13 3.47
C LEU B 277 21.16 17.32 2.32
N LEU B 278 20.31 17.96 1.51
CA LEU B 278 19.81 17.33 0.30
C LEU B 278 20.95 16.85 -0.59
N ALA B 279 22.03 17.64 -0.67
CA ALA B 279 23.16 17.22 -1.49
C ALA B 279 23.89 16.04 -0.86
N GLN B 280 24.09 16.07 0.46
CA GLN B 280 24.72 14.94 1.13
C GLN B 280 23.89 13.67 0.99
N LEU B 281 22.58 13.79 0.82
CA LEU B 281 21.76 12.63 0.48
C LEU B 281 22.29 11.97 -0.78
N ILE B 282 22.35 12.74 -1.87
CA ILE B 282 22.80 12.22 -3.16
C ILE B 282 24.20 11.62 -3.03
N SER B 283 25.06 12.26 -2.22
CA SER B 283 26.42 11.79 -2.06
C SER B 283 26.48 10.34 -1.60
N SER B 284 25.57 9.96 -0.70
CA SER B 284 25.49 8.57 -0.28
C SER B 284 24.99 7.69 -1.42
N MET B 285 23.96 8.14 -2.13
CA MET B 285 23.46 7.39 -3.28
C MET B 285 24.56 7.09 -4.28
N VAL B 286 25.45 8.06 -4.49
CA VAL B 286 26.62 7.83 -5.34
C VAL B 286 27.49 6.75 -4.71
N ARG B 287 27.94 6.97 -3.47
CA ARG B 287 28.83 6.02 -2.81
C ARG B 287 28.17 4.64 -2.68
N LEU B 288 26.87 4.62 -2.39
CA LEU B 288 26.16 3.35 -2.37
C LEU B 288 26.22 2.68 -3.74
N TRP B 289 25.94 3.42 -4.81
CA TRP B 289 25.91 2.81 -6.14
C TRP B 289 27.29 2.34 -6.56
N GLU B 290 28.34 3.10 -6.25
CA GLU B 290 29.69 2.60 -6.48
C GLU B 290 29.92 1.32 -5.70
N LEU B 291 29.27 1.17 -4.55
CA LEU B 291 29.38 -0.05 -3.78
C LEU B 291 28.66 -1.20 -4.47
N ILE B 292 27.56 -0.89 -5.16
CA ILE B 292 26.75 -1.95 -5.81
C ILE B 292 27.55 -2.61 -6.92
N ILE B 293 28.14 -1.80 -7.80
CA ILE B 293 28.93 -2.35 -8.89
C ILE B 293 30.13 -3.11 -8.34
N ARG B 294 30.67 -2.65 -7.20
CA ARG B 294 31.78 -3.36 -6.58
C ARG B 294 31.39 -4.78 -6.21
N ILE B 295 30.11 -5.01 -5.92
CA ILE B 295 29.64 -6.38 -5.79
C ILE B 295 29.54 -7.03 -7.17
N LEU B 296 29.23 -6.23 -8.20
CA LEU B 296 28.93 -6.82 -9.50
C LEU B 296 30.16 -7.45 -10.16
N GLN B 297 31.36 -7.12 -9.70
CA GLN B 297 32.55 -7.80 -10.20
C GLN B 297 32.73 -9.16 -9.52
N LEU B 298 32.68 -9.18 -8.19
CA LEU B 298 33.16 -10.34 -7.45
C LEU B 298 32.41 -11.62 -7.82
N GLN B 299 31.09 -11.54 -8.05
CA GLN B 299 30.35 -12.76 -8.37
C GLN B 299 30.68 -13.25 -9.77
N LEU B 300 31.15 -12.37 -10.65
CA LEU B 300 31.72 -12.82 -11.93
C LEU B 300 32.91 -13.72 -11.67
N GLN B 301 33.82 -13.27 -10.79
CA GLN B 301 34.96 -14.08 -10.39
C GLN B 301 34.56 -15.14 -9.36
N LYS B 302 33.35 -15.68 -9.51
CA LYS B 302 32.82 -16.66 -8.57
C LYS B 302 31.78 -17.54 -9.26
N GLU B 308 39.40 -18.32 -5.30
CA GLU B 308 38.32 -18.80 -4.45
C GLU B 308 38.47 -18.31 -3.01
N ASP B 309 39.44 -17.42 -2.79
CA ASP B 309 39.65 -16.85 -1.46
C ASP B 309 39.80 -15.34 -1.52
N GLU B 310 40.73 -14.83 -2.34
CA GLU B 310 40.98 -13.39 -2.37
C GLU B 310 39.75 -12.58 -2.74
N LEU B 311 38.64 -13.26 -3.07
CA LEU B 311 37.36 -12.61 -3.18
C LEU B 311 36.62 -12.56 -1.85
N ARG B 312 37.19 -13.14 -0.80
CA ARG B 312 36.73 -12.87 0.56
C ARG B 312 37.38 -11.65 1.17
N GLU B 313 38.48 -11.17 0.58
CA GLU B 313 39.08 -9.90 0.99
C GLU B 313 38.30 -8.73 0.41
N GLU B 314 37.97 -8.78 -0.88
CA GLU B 314 37.05 -7.81 -1.45
C GLU B 314 35.71 -7.87 -0.74
N LEU B 315 35.35 -9.04 -0.21
CA LEU B 315 34.16 -9.17 0.61
C LEU B 315 34.28 -8.30 1.86
N LYS B 316 35.35 -8.50 2.63
CA LYS B 316 35.57 -7.71 3.84
C LYS B 316 35.63 -6.23 3.51
N ARG B 317 36.27 -5.89 2.38
CA ARG B 317 36.30 -4.50 1.93
C ARG B 317 34.88 -3.96 1.80
N LEU B 318 34.04 -4.65 1.02
CA LEU B 318 32.64 -4.29 0.87
C LEU B 318 31.95 -4.16 2.22
N LYS B 319 32.09 -5.20 3.05
CA LYS B 319 31.43 -5.28 4.35
C LYS B 319 31.68 -4.06 5.21
N LYS B 320 32.88 -3.49 5.14
CA LYS B 320 33.16 -2.27 5.89
C LYS B 320 32.53 -1.06 5.22
N GLU B 321 32.82 -0.85 3.94
CA GLU B 321 32.20 0.29 3.25
C GLU B 321 30.70 0.10 3.12
N THR B 322 30.20 -1.12 3.28
CA THR B 322 28.78 -1.33 3.53
C THR B 322 28.36 -0.57 4.79
N GLU B 323 29.15 -0.70 5.87
CA GLU B 323 28.83 0.03 7.09
C GLU B 323 29.12 1.52 6.95
N LYS B 324 30.19 1.87 6.24
CA LYS B 324 30.65 3.26 6.21
C LYS B 324 29.57 4.18 5.65
N ILE B 325 28.89 3.76 4.58
CA ILE B 325 27.80 4.56 4.05
C ILE B 325 26.64 4.59 5.03
N ARG B 326 26.22 3.41 5.52
CA ARG B 326 25.10 3.31 6.44
C ARG B 326 25.36 4.11 7.71
N GLU B 327 26.62 4.18 8.12
CA GLU B 327 26.99 5.09 9.21
C GLU B 327 26.81 6.54 8.77
N GLU B 328 27.54 6.96 7.73
CA GLU B 328 27.39 8.32 7.20
C GLU B 328 25.94 8.65 6.87
N THR B 329 25.15 7.62 6.53
CA THR B 329 23.73 7.85 6.28
C THR B 329 23.00 8.19 7.58
N GLU B 330 23.30 7.46 8.65
CA GLU B 330 22.64 7.76 9.93
C GLU B 330 23.22 8.98 10.61
N GLU B 331 24.45 9.38 10.28
CA GLU B 331 24.91 10.70 10.68
C GLU B 331 24.00 11.76 10.08
N VAL B 332 23.66 11.60 8.80
CA VAL B 332 22.71 12.49 8.14
C VAL B 332 21.36 12.43 8.85
N LYS B 333 20.96 11.23 9.29
CA LYS B 333 19.65 11.07 9.92
C LYS B 333 19.49 12.00 11.11
N LYS B 334 20.51 12.08 11.97
CA LYS B 334 20.48 13.05 13.05
C LYS B 334 20.47 14.47 12.51
N GLU B 335 21.31 14.75 11.50
CA GLU B 335 21.41 16.10 10.97
C GLU B 335 20.11 16.52 10.28
N ILE B 336 19.33 15.56 9.81
CA ILE B 336 18.00 15.89 9.30
C ILE B 336 17.07 16.25 10.46
N GLU B 337 17.12 15.45 11.53
CA GLU B 337 16.21 15.54 12.66
C GLU B 337 16.20 16.93 13.29
N GLU B 338 17.30 17.66 13.13
CA GLU B 338 17.51 18.89 13.88
C GLU B 338 16.70 20.06 13.31
N SER B 339 16.47 20.05 11.99
CA SER B 339 16.03 21.22 11.23
C SER B 339 14.77 21.91 11.76
N LYS B 340 14.24 21.46 12.90
CA LYS B 340 13.16 22.16 13.58
C LYS B 340 13.02 21.70 15.03
N GLU B 348 6.85 24.70 2.43
CA GLU B 348 7.31 23.72 1.46
C GLU B 348 8.46 22.90 2.05
N ILE B 349 9.30 23.58 2.83
CA ILE B 349 10.41 22.98 3.56
C ILE B 349 9.87 21.82 4.38
N ILE B 350 8.79 22.08 5.11
CA ILE B 350 8.08 21.13 5.97
C ILE B 350 7.96 19.76 5.31
N LEU B 351 7.54 19.74 4.05
CA LEU B 351 7.33 18.47 3.36
C LEU B 351 8.62 17.87 2.83
N MET B 352 9.65 18.68 2.61
CA MET B 352 10.90 18.14 2.10
C MET B 352 11.58 17.23 3.11
N LEU B 353 11.59 17.64 4.38
CA LEU B 353 12.30 16.86 5.38
C LEU B 353 11.62 15.52 5.63
N GLN B 354 10.30 15.43 5.41
CA GLN B 354 9.64 14.15 5.62
C GLN B 354 10.18 13.11 4.65
N LEU B 355 10.26 13.45 3.36
CA LEU B 355 10.72 12.48 2.38
C LEU B 355 12.17 12.10 2.64
N GLU B 356 12.98 13.03 3.13
CA GLU B 356 14.39 12.73 3.37
C GLU B 356 14.54 11.63 4.41
N ILE B 357 13.81 11.74 5.53
CA ILE B 357 13.81 10.68 6.53
C ILE B 357 13.41 9.35 5.89
N ALA B 358 12.30 9.35 5.15
CA ALA B 358 11.91 8.17 4.41
C ALA B 358 12.97 7.77 3.39
N TRP B 359 13.60 8.77 2.76
CA TRP B 359 14.71 8.48 1.86
C TRP B 359 15.85 7.81 2.62
N ILE B 360 16.08 8.20 3.87
CA ILE B 360 17.09 7.55 4.70
C ILE B 360 16.68 6.12 5.04
N ARG B 361 15.50 5.97 5.63
CA ARG B 361 15.02 4.66 6.07
C ARG B 361 14.98 3.67 4.91
N SER B 362 14.45 4.10 3.77
CA SER B 362 14.41 3.24 2.59
C SER B 362 15.82 2.88 2.14
N LEU B 363 16.77 3.80 2.31
CA LEU B 363 18.16 3.49 1.97
C LEU B 363 18.76 2.51 2.95
N LEU B 364 18.51 2.70 4.25
CA LEU B 364 19.07 1.82 5.26
C LEU B 364 18.56 0.40 5.10
N SER B 365 17.27 0.26 4.78
CA SER B 365 16.68 -1.05 4.57
C SER B 365 17.38 -1.81 3.46
N ILE B 366 17.86 -1.08 2.45
CA ILE B 366 18.59 -1.73 1.37
C ILE B 366 19.99 -2.11 1.81
N ILE B 367 20.65 -1.21 2.55
CA ILE B 367 21.96 -1.54 3.13
C ILE B 367 21.82 -2.74 4.06
N ARG B 368 20.85 -2.67 4.98
CA ARG B 368 20.53 -3.83 5.80
C ARG B 368 20.25 -5.06 4.94
N LEU B 369 19.64 -4.85 3.77
CA LEU B 369 19.37 -5.95 2.86
C LEU B 369 20.61 -6.33 2.04
N LEU B 370 21.55 -5.40 1.89
CA LEU B 370 22.74 -5.64 1.09
C LEU B 370 23.80 -6.40 1.87
N LYS B 371 24.03 -6.03 3.13
CA LYS B 371 25.03 -6.73 3.92
C LYS B 371 24.69 -8.21 4.08
N LEU B 372 23.42 -8.57 3.88
CA LEU B 372 23.03 -9.97 3.83
C LEU B 372 23.41 -10.61 2.51
N GLN B 373 23.49 -9.83 1.43
CA GLN B 373 24.01 -10.37 0.18
C GLN B 373 25.50 -10.67 0.28
N LEU B 374 26.18 -10.06 1.26
CA LEU B 374 27.59 -10.35 1.43
C LEU B 374 27.79 -11.72 2.06
N GLU B 375 26.85 -12.15 2.90
CA GLU B 375 26.90 -13.51 3.43
C GLU B 375 26.77 -14.52 2.30
N GLN B 376 26.15 -14.12 1.20
CA GLN B 376 26.04 -14.99 0.02
C GLN B 376 27.43 -15.23 -0.58
#